data_3T39
#
_entry.id   3T39
#
_cell.length_a   89.070
_cell.length_b   101.140
_cell.length_c   163.670
_cell.angle_alpha   90.00
_cell.angle_beta   90.00
_cell.angle_gamma   90.00
#
_symmetry.space_group_name_H-M   'I 2 2 2'
#
loop_
_entity.id
_entity.type
_entity.pdbx_description
1 polymer 'Peptidoglycan recognition protein 1'
2 non-polymer GLYCEROL
3 non-polymer 'S,R MESO-TARTARIC ACID'
4 non-polymer '(3R,4S,5R)-3,4,5-TRIHYDROXYCYCLOHEX-1-ENE-1-CARBOXYLIC ACID'
5 water water
#
_entity_poly.entity_id   1
_entity_poly.type   'polypeptide(L)'
_entity_poly.pdbx_seq_one_letter_code
;EDPPACGSIVPRREWRALASECRERLTRPVRYVVVSHTAGSHCDTPASCAQQAQNVQSYHVRNLGWCDVGYNFLIGEDGL
VYEGRGWNIKGAHAGPTWNPISIGISFMGNYMNRVPPPRALRAAQNLLACGVALGALRSNYEVKGHRDVQPTLSPGDRLY
EIIQTWSHYRA
;
_entity_poly.pdbx_strand_id   A,B,C,D
#
# COMPACT_ATOMS: atom_id res chain seq x y z
N GLU A 1 -0.18 -7.61 20.21
CA GLU A 1 -0.54 -6.69 21.33
C GLU A 1 -0.82 -5.30 20.78
N ASP A 2 -1.61 -5.24 19.70
CA ASP A 2 -1.97 -3.99 19.01
C ASP A 2 -3.45 -3.58 19.16
N PRO A 3 -3.79 -2.72 20.14
CA PRO A 3 -5.18 -2.30 20.33
C PRO A 3 -5.70 -0.90 19.93
N PRO A 4 -4.85 0.12 19.79
CA PRO A 4 -5.27 1.49 19.44
C PRO A 4 -6.28 1.73 18.29
N ALA A 5 -7.14 2.70 18.57
CA ALA A 5 -8.19 3.19 17.70
C ALA A 5 -7.90 3.41 16.21
N CYS A 6 -8.95 3.22 15.40
CA CYS A 6 -8.91 3.48 13.97
C CYS A 6 -10.30 3.57 13.39
N GLY A 7 -10.48 4.71 12.74
CA GLY A 7 -11.73 5.05 12.09
C GLY A 7 -12.96 5.18 12.96
N SER A 8 -14.05 5.55 12.29
CA SER A 8 -15.35 5.71 12.92
C SER A 8 -16.26 4.83 12.08
N ILE A 9 -17.01 3.95 12.72
CA ILE A 9 -17.90 3.07 12.01
C ILE A 9 -19.23 3.21 12.70
N VAL A 10 -20.29 3.36 11.94
CA VAL A 10 -21.58 3.44 12.59
C VAL A 10 -21.75 1.99 12.99
N PRO A 11 -21.89 1.71 14.29
CA PRO A 11 -22.05 0.34 14.78
C PRO A 11 -23.42 -0.29 14.50
N ARG A 12 -23.45 -1.62 14.49
CA ARG A 12 -24.68 -2.40 14.27
C ARG A 12 -25.92 -1.81 14.92
N ARG A 13 -25.88 -1.69 16.24
CA ARG A 13 -27.00 -1.19 17.00
C ARG A 13 -27.47 0.19 16.57
N GLU A 14 -26.55 1.08 16.21
CA GLU A 14 -26.94 2.43 15.80
C GLU A 14 -27.77 2.44 14.52
N TRP A 15 -27.54 1.54 13.56
CA TRP A 15 -28.42 1.60 12.40
C TRP A 15 -29.63 0.66 12.60
N ARG A 16 -29.77 0.21 13.85
CA ARG A 16 -30.88 -0.66 14.28
C ARG A 16 -30.96 -1.99 13.54
N ALA A 17 -29.81 -2.63 13.40
CA ALA A 17 -29.65 -3.90 12.71
C ALA A 17 -30.10 -5.10 13.50
N LEU A 18 -30.76 -6.02 12.82
CA LEU A 18 -31.23 -7.25 13.43
C LEU A 18 -29.92 -7.94 13.79
N ALA A 19 -29.90 -8.62 14.93
CA ALA A 19 -28.70 -9.32 15.39
C ALA A 19 -28.22 -10.36 14.38
N SER A 20 -26.91 -10.57 14.33
CA SER A 20 -26.33 -11.53 13.38
C SER A 20 -26.37 -12.96 13.92
N GLU A 21 -26.53 -13.92 13.02
CA GLU A 21 -26.56 -15.33 13.38
C GLU A 21 -25.39 -16.02 12.72
N CYS A 22 -24.46 -15.23 12.14
CA CYS A 22 -23.28 -15.80 11.48
C CYS A 22 -22.24 -16.17 12.54
N ARG A 23 -21.45 -17.21 12.28
CA ARG A 23 -20.42 -17.59 13.24
C ARG A 23 -19.10 -17.99 12.58
N GLU A 24 -19.11 -18.36 11.29
CA GLU A 24 -17.84 -18.74 10.65
C GLU A 24 -16.91 -17.54 10.47
N ARG A 25 -15.67 -17.70 10.95
CA ARG A 25 -14.65 -16.65 10.91
C ARG A 25 -13.71 -16.65 9.70
N LEU A 26 -13.06 -15.50 9.49
CA LEU A 26 -12.10 -15.33 8.41
C LEU A 26 -10.76 -15.46 9.10
N THR A 27 -9.74 -15.87 8.37
CA THR A 27 -8.43 -16.00 9.00
C THR A 27 -7.74 -14.66 8.87
N ARG A 28 -7.15 -14.19 9.96
CA ARG A 28 -6.42 -12.93 9.98
C ARG A 28 -4.99 -13.25 9.58
N PRO A 29 -4.38 -12.43 8.72
CA PRO A 29 -4.94 -11.23 8.10
C PRO A 29 -5.47 -11.57 6.71
N VAL A 30 -6.54 -10.91 6.29
CA VAL A 30 -7.12 -11.16 4.97
C VAL A 30 -6.34 -10.44 3.86
N ARG A 31 -6.22 -11.11 2.72
CA ARG A 31 -5.46 -10.58 1.58
C ARG A 31 -6.31 -9.81 0.58
N TYR A 32 -7.59 -10.14 0.50
CA TYR A 32 -8.43 -9.49 -0.48
C TYR A 32 -9.56 -8.61 0.01
N VAL A 33 -9.85 -7.58 -0.78
CA VAL A 33 -10.95 -6.69 -0.53
C VAL A 33 -11.67 -6.67 -1.85
N VAL A 34 -12.97 -6.91 -1.81
CA VAL A 34 -13.78 -6.91 -3.02
C VAL A 34 -14.81 -5.80 -2.91
N VAL A 35 -14.75 -4.86 -3.85
CA VAL A 35 -15.66 -3.72 -3.87
C VAL A 35 -16.88 -3.90 -4.76
N SER A 36 -18.05 -3.64 -4.19
CA SER A 36 -19.32 -3.76 -4.89
C SER A 36 -20.24 -2.58 -4.61
N HIS A 37 -21.37 -2.54 -5.29
CA HIS A 37 -22.35 -1.50 -5.05
C HIS A 37 -23.59 -2.30 -4.75
N THR A 38 -24.57 -1.68 -4.11
CA THR A 38 -25.79 -2.39 -3.76
C THR A 38 -26.84 -2.32 -4.88
N ALA A 39 -26.58 -1.46 -5.88
CA ALA A 39 -27.47 -1.23 -7.03
C ALA A 39 -28.84 -0.82 -6.55
N GLY A 40 -28.88 -0.34 -5.31
CA GLY A 40 -30.13 0.10 -4.73
C GLY A 40 -30.22 1.60 -4.64
N SER A 41 -31.10 2.08 -3.77
CA SER A 41 -31.29 3.51 -3.59
C SER A 41 -30.10 4.15 -2.93
N HIS A 42 -29.76 5.37 -3.34
CA HIS A 42 -28.64 6.04 -2.70
C HIS A 42 -29.22 6.93 -1.59
N CYS A 43 -28.37 7.34 -0.66
CA CYS A 43 -28.78 8.16 0.49
C CYS A 43 -27.66 9.16 0.76
N ASP A 44 -28.00 10.40 1.16
CA ASP A 44 -26.95 11.37 1.42
C ASP A 44 -26.93 12.01 2.82
N THR A 45 -27.60 11.39 3.79
CA THR A 45 -27.64 11.90 5.17
C THR A 45 -27.52 10.71 6.11
N PRO A 46 -27.06 10.93 7.35
CA PRO A 46 -26.94 9.80 8.30
C PRO A 46 -28.26 9.10 8.58
N ALA A 47 -29.36 9.84 8.52
CA ALA A 47 -30.66 9.26 8.79
C ALA A 47 -31.13 8.39 7.63
N SER A 48 -31.03 8.91 6.42
CA SER A 48 -31.47 8.17 5.26
C SER A 48 -30.57 6.97 5.00
N CYS A 49 -29.29 7.11 5.31
CA CYS A 49 -28.34 6.04 5.09
C CYS A 49 -28.48 4.87 6.07
N ALA A 50 -29.00 5.15 7.27
CA ALA A 50 -29.20 4.10 8.25
C ALA A 50 -30.41 3.29 7.80
N GLN A 51 -31.40 4.01 7.26
CA GLN A 51 -32.62 3.38 6.77
C GLN A 51 -32.23 2.39 5.70
N GLN A 52 -31.39 2.86 4.79
CA GLN A 52 -30.90 2.08 3.67
C GLN A 52 -30.08 0.87 4.13
N ALA A 53 -29.13 1.10 5.03
CA ALA A 53 -28.34 0.00 5.53
C ALA A 53 -29.33 -1.07 5.95
N GLN A 54 -30.36 -0.64 6.67
CA GLN A 54 -31.39 -1.54 7.16
C GLN A 54 -32.11 -2.32 6.05
N ASN A 55 -32.46 -1.64 4.97
CA ASN A 55 -33.17 -2.29 3.87
C ASN A 55 -32.31 -3.33 3.15
N VAL A 56 -30.99 -3.14 3.16
CA VAL A 56 -30.11 -4.10 2.50
C VAL A 56 -30.00 -5.36 3.36
N GLN A 57 -29.79 -5.17 4.67
CA GLN A 57 -29.69 -6.30 5.59
C GLN A 57 -30.98 -7.08 5.53
N SER A 58 -32.07 -6.34 5.70
CA SER A 58 -33.39 -6.92 5.68
C SER A 58 -33.58 -7.82 4.46
N TYR A 59 -33.25 -7.30 3.28
CA TYR A 59 -33.41 -8.08 2.07
C TYR A 59 -32.54 -9.35 2.11
N HIS A 60 -31.32 -9.22 2.63
CA HIS A 60 -30.43 -10.38 2.71
C HIS A 60 -30.87 -11.45 3.72
N VAL A 61 -31.41 -11.02 4.85
CA VAL A 61 -31.84 -11.96 5.87
C VAL A 61 -33.26 -12.44 5.54
N ARG A 62 -34.24 -11.54 5.62
CA ARG A 62 -35.62 -11.91 5.33
C ARG A 62 -35.91 -12.54 3.94
N ASN A 63 -35.12 -12.22 2.91
CA ASN A 63 -35.38 -12.79 1.58
C ASN A 63 -34.40 -13.80 1.02
N LEU A 64 -33.11 -13.54 1.19
CA LEU A 64 -32.12 -14.48 0.66
C LEU A 64 -31.70 -15.47 1.76
N GLY A 65 -32.23 -15.27 2.97
CA GLY A 65 -31.92 -16.17 4.07
C GLY A 65 -30.49 -16.22 4.57
N TRP A 66 -29.75 -15.13 4.46
CA TRP A 66 -28.40 -15.16 4.96
C TRP A 66 -28.46 -14.82 6.45
N CYS A 67 -27.40 -15.15 7.18
CA CYS A 67 -27.35 -14.92 8.63
C CYS A 67 -27.27 -13.48 9.03
N ASP A 68 -26.90 -12.63 8.09
CA ASP A 68 -26.70 -11.22 8.38
C ASP A 68 -26.59 -10.48 7.05
N VAL A 69 -26.42 -9.17 7.12
CA VAL A 69 -26.28 -8.37 5.92
C VAL A 69 -25.12 -9.05 5.20
N GLY A 70 -25.19 -9.15 3.88
CA GLY A 70 -24.13 -9.84 3.15
C GLY A 70 -22.70 -9.35 3.30
N TYR A 71 -22.54 -8.04 3.29
CA TYR A 71 -21.24 -7.39 3.38
C TYR A 71 -20.57 -7.24 4.75
N ASN A 72 -19.25 -7.05 4.73
CA ASN A 72 -18.49 -6.85 5.95
C ASN A 72 -18.71 -5.39 6.39
N PHE A 73 -18.78 -4.48 5.43
CA PHE A 73 -19.05 -3.06 5.71
C PHE A 73 -19.78 -2.47 4.51
N LEU A 74 -20.57 -1.42 4.75
CA LEU A 74 -21.27 -0.76 3.65
C LEU A 74 -20.81 0.68 3.73
N ILE A 75 -20.88 1.41 2.62
CA ILE A 75 -20.49 2.80 2.64
C ILE A 75 -21.62 3.65 2.14
N GLY A 76 -21.85 4.75 2.86
CA GLY A 76 -22.92 5.65 2.48
C GLY A 76 -22.40 6.92 1.87
N GLU A 77 -23.20 7.50 0.99
CA GLU A 77 -22.83 8.74 0.33
C GLU A 77 -22.77 9.88 1.35
N ASP A 78 -23.14 9.56 2.59
CA ASP A 78 -23.13 10.54 3.66
C ASP A 78 -21.71 10.57 4.22
N GLY A 79 -20.84 9.77 3.62
CA GLY A 79 -19.45 9.72 4.05
C GLY A 79 -19.19 8.89 5.29
N LEU A 80 -20.17 8.12 5.74
CA LEU A 80 -19.98 7.29 6.94
C LEU A 80 -19.91 5.83 6.56
N VAL A 81 -19.16 5.06 7.35
CA VAL A 81 -19.01 3.64 7.09
C VAL A 81 -20.00 2.94 7.97
N TYR A 82 -20.64 1.89 7.47
CA TYR A 82 -21.61 1.18 8.26
C TYR A 82 -21.17 -0.23 8.58
N GLU A 83 -21.29 -0.61 9.85
CA GLU A 83 -20.89 -1.93 10.31
C GLU A 83 -21.73 -3.04 9.74
N GLY A 84 -21.05 -3.97 9.07
CA GLY A 84 -21.75 -5.09 8.48
C GLY A 84 -21.34 -6.28 9.31
N ARG A 85 -20.70 -7.27 8.70
CA ARG A 85 -20.29 -8.43 9.47
C ARG A 85 -19.00 -8.13 10.21
N GLY A 86 -18.39 -6.99 9.90
CA GLY A 86 -17.15 -6.65 10.57
C GLY A 86 -15.93 -7.27 9.93
N TRP A 87 -14.80 -7.19 10.63
CA TRP A 87 -13.53 -7.72 10.12
C TRP A 87 -13.32 -9.21 10.29
N ASN A 88 -13.90 -9.75 11.34
CA ASN A 88 -13.72 -11.15 11.69
C ASN A 88 -14.60 -12.27 11.12
N ILE A 89 -15.81 -11.93 10.68
CA ILE A 89 -16.77 -12.90 10.15
C ILE A 89 -16.84 -12.91 8.61
N LYS A 90 -16.79 -14.12 8.03
CA LYS A 90 -16.86 -14.32 6.59
C LYS A 90 -18.19 -13.77 6.04
N GLY A 91 -18.13 -12.91 5.03
CA GLY A 91 -19.34 -12.37 4.47
C GLY A 91 -19.94 -13.29 3.43
N ALA A 92 -20.84 -12.74 2.61
CA ALA A 92 -21.52 -13.48 1.55
C ALA A 92 -21.77 -12.39 0.54
N HIS A 93 -20.73 -12.06 -0.22
CA HIS A 93 -20.80 -10.99 -1.19
C HIS A 93 -20.15 -11.28 -2.54
N ALA A 94 -19.33 -12.33 -2.62
CA ALA A 94 -18.67 -12.62 -3.89
C ALA A 94 -18.53 -14.10 -4.22
N GLY A 95 -19.54 -14.89 -3.93
CA GLY A 95 -19.43 -16.30 -4.25
C GLY A 95 -18.67 -17.16 -3.27
N PRO A 96 -18.82 -18.49 -3.36
CA PRO A 96 -18.18 -19.48 -2.48
C PRO A 96 -16.66 -19.57 -2.54
N THR A 97 -16.05 -19.17 -3.65
CA THR A 97 -14.60 -19.24 -3.70
C THR A 97 -14.00 -17.98 -3.07
N TRP A 98 -14.58 -16.82 -3.34
CA TRP A 98 -14.05 -15.58 -2.78
C TRP A 98 -14.45 -15.16 -1.33
N ASN A 99 -15.66 -15.50 -0.89
CA ASN A 99 -16.11 -15.14 0.46
C ASN A 99 -15.20 -15.61 1.62
N PRO A 100 -14.65 -16.83 1.52
CA PRO A 100 -13.77 -17.36 2.57
C PRO A 100 -12.43 -16.69 2.74
N ILE A 101 -12.05 -15.84 1.79
CA ILE A 101 -10.76 -15.17 1.86
C ILE A 101 -10.79 -13.67 1.56
N SER A 102 -11.89 -12.99 1.86
CA SER A 102 -11.96 -11.56 1.55
C SER A 102 -12.94 -10.76 2.39
N ILE A 103 -12.76 -9.45 2.35
CA ILE A 103 -13.64 -8.51 3.04
C ILE A 103 -14.36 -7.87 1.88
N GLY A 104 -15.68 -7.82 1.95
CA GLY A 104 -16.42 -7.20 0.88
C GLY A 104 -17.04 -5.90 1.36
N ILE A 105 -16.66 -4.76 0.79
CA ILE A 105 -17.30 -3.51 1.20
C ILE A 105 -18.12 -3.08 0.01
N SER A 106 -19.34 -2.62 0.28
CA SER A 106 -20.27 -2.23 -0.77
C SER A 106 -20.81 -0.80 -0.68
N PHE A 107 -20.60 0.01 -1.71
CA PHE A 107 -21.13 1.37 -1.68
C PHE A 107 -22.65 1.25 -1.84
N MET A 108 -23.40 2.04 -1.08
CA MET A 108 -24.85 1.97 -1.18
C MET A 108 -25.38 2.87 -2.29
N GLY A 109 -25.70 2.25 -3.42
CA GLY A 109 -26.22 2.98 -4.56
C GLY A 109 -26.02 2.19 -5.84
N ASN A 110 -26.21 2.82 -7.00
CA ASN A 110 -26.04 2.16 -8.27
C ASN A 110 -25.07 3.04 -9.03
N TYR A 111 -23.81 2.68 -9.02
CA TYR A 111 -22.81 3.50 -9.66
C TYR A 111 -22.43 3.21 -11.12
N MET A 112 -23.46 2.97 -11.92
CA MET A 112 -23.35 2.68 -13.36
C MET A 112 -23.17 3.99 -14.14
N ASN A 113 -23.99 5.00 -13.83
CA ASN A 113 -23.87 6.28 -14.53
C ASN A 113 -23.66 7.45 -13.57
N ARG A 114 -23.23 7.16 -12.33
CA ARG A 114 -22.97 8.19 -11.31
C ARG A 114 -21.71 7.81 -10.55
N VAL A 115 -21.04 8.76 -9.95
CA VAL A 115 -19.85 8.40 -9.16
C VAL A 115 -20.26 8.64 -7.72
N PRO A 116 -19.60 7.98 -6.77
CA PRO A 116 -20.01 8.25 -5.40
C PRO A 116 -19.21 9.50 -5.04
N PRO A 117 -19.68 10.32 -4.10
CA PRO A 117 -19.02 11.55 -3.66
C PRO A 117 -17.66 11.32 -2.95
N PRO A 118 -16.74 12.29 -3.04
CA PRO A 118 -15.43 12.14 -2.39
C PRO A 118 -15.46 11.65 -0.95
N ARG A 119 -16.48 12.01 -0.19
CA ARG A 119 -16.52 11.56 1.19
C ARG A 119 -16.76 10.05 1.28
N ALA A 120 -17.41 9.47 0.28
CA ALA A 120 -17.64 8.03 0.30
C ALA A 120 -16.28 7.40 0.05
N LEU A 121 -15.68 7.70 -1.11
CA LEU A 121 -14.37 7.13 -1.44
C LEU A 121 -13.40 7.28 -0.25
N ARG A 122 -13.37 8.46 0.36
CA ARG A 122 -12.50 8.71 1.51
C ARG A 122 -12.79 7.74 2.65
N ALA A 123 -14.06 7.59 2.99
CA ALA A 123 -14.42 6.68 4.06
C ALA A 123 -14.00 5.26 3.73
N ALA A 124 -14.30 4.82 2.51
CA ALA A 124 -13.95 3.47 2.09
C ALA A 124 -12.46 3.27 2.22
N GLN A 125 -11.68 4.29 1.85
CA GLN A 125 -10.23 4.17 1.94
C GLN A 125 -9.68 4.16 3.38
N ASN A 126 -10.27 4.92 4.26
CA ASN A 126 -9.88 4.98 5.63
C ASN A 126 -10.07 3.66 6.28
N LEU A 127 -11.21 3.09 6.00
CA LEU A 127 -11.61 1.77 6.42
C LEU A 127 -10.52 0.77 6.13
N LEU A 128 -10.01 0.79 4.93
CA LEU A 128 -8.98 -0.17 4.57
C LEU A 128 -7.68 0.06 5.33
N ALA A 129 -7.29 1.31 5.53
CA ALA A 129 -6.05 1.57 6.28
C ALA A 129 -6.24 1.02 7.67
N CYS A 130 -7.43 1.24 8.21
CA CYS A 130 -7.77 0.77 9.54
C CYS A 130 -7.65 -0.75 9.62
N GLY A 131 -8.14 -1.42 8.60
CA GLY A 131 -8.07 -2.87 8.59
C GLY A 131 -6.62 -3.26 8.68
N VAL A 132 -5.78 -2.52 7.97
CA VAL A 132 -4.35 -2.81 7.99
C VAL A 132 -3.81 -2.50 9.38
N ALA A 133 -4.24 -1.37 9.95
CA ALA A 133 -3.79 -0.98 11.28
C ALA A 133 -4.13 -2.07 12.31
N LEU A 134 -5.37 -2.54 12.30
CA LEU A 134 -5.81 -3.56 13.25
C LEU A 134 -5.21 -4.94 12.98
N GLY A 135 -4.68 -5.13 11.78
CA GLY A 135 -4.11 -6.42 11.45
C GLY A 135 -5.17 -7.36 10.90
N ALA A 136 -6.24 -6.77 10.40
CA ALA A 136 -7.33 -7.53 9.82
C ALA A 136 -7.03 -7.73 8.34
N LEU A 137 -6.25 -6.83 7.76
CA LEU A 137 -5.84 -6.90 6.35
C LEU A 137 -4.34 -6.97 6.31
N ARG A 138 -3.81 -7.63 5.28
CA ARG A 138 -2.35 -7.77 5.09
C ARG A 138 -1.90 -6.39 4.75
N SER A 139 -0.67 -6.02 5.09
CA SER A 139 -0.22 -4.68 4.72
C SER A 139 -0.23 -4.55 3.21
N ASN A 140 -0.04 -5.67 2.50
CA ASN A 140 -0.05 -5.67 1.04
C ASN A 140 -1.32 -6.25 0.49
N TYR A 141 -2.46 -5.89 1.09
CA TYR A 141 -3.74 -6.40 0.64
C TYR A 141 -3.97 -6.01 -0.82
N GLU A 142 -4.99 -6.62 -1.42
CA GLU A 142 -5.36 -6.38 -2.82
C GLU A 142 -6.83 -6.03 -2.98
N VAL A 143 -7.08 -4.93 -3.67
CA VAL A 143 -8.44 -4.47 -3.94
C VAL A 143 -8.89 -5.09 -5.26
N LYS A 144 -10.12 -5.57 -5.28
CA LYS A 144 -10.68 -6.20 -6.48
C LYS A 144 -12.07 -5.67 -6.72
N GLY A 145 -12.51 -5.66 -7.97
CA GLY A 145 -13.86 -5.21 -8.27
C GLY A 145 -14.75 -6.43 -8.20
N HIS A 146 -16.04 -6.27 -7.96
CA HIS A 146 -16.91 -7.43 -7.87
C HIS A 146 -16.82 -8.17 -9.20
N ARG A 147 -16.97 -7.40 -10.26
CA ARG A 147 -16.93 -7.93 -11.63
C ARG A 147 -15.62 -8.67 -11.97
N ASP A 148 -14.55 -8.41 -11.23
CA ASP A 148 -13.30 -9.09 -11.52
C ASP A 148 -13.34 -10.53 -11.01
N VAL A 149 -14.09 -10.74 -9.93
CA VAL A 149 -14.20 -12.07 -9.34
C VAL A 149 -15.52 -12.81 -9.57
N GLN A 150 -16.52 -12.12 -10.11
CA GLN A 150 -17.81 -12.72 -10.42
C GLN A 150 -18.44 -12.02 -11.62
N PRO A 151 -19.36 -12.68 -12.33
CA PRO A 151 -19.96 -12.04 -13.49
C PRO A 151 -21.06 -11.06 -13.10
N THR A 152 -20.73 -9.77 -13.11
CA THR A 152 -21.69 -8.76 -12.72
C THR A 152 -21.26 -7.37 -13.16
N LEU A 153 -22.17 -6.41 -13.05
CA LEU A 153 -21.87 -5.04 -13.42
C LEU A 153 -21.27 -4.38 -12.19
N SER A 154 -21.59 -4.95 -11.03
CA SER A 154 -21.09 -4.48 -9.75
C SER A 154 -19.59 -4.33 -9.87
N PRO A 155 -19.01 -3.22 -9.36
CA PRO A 155 -19.61 -2.08 -8.66
C PRO A 155 -20.10 -0.91 -9.50
N GLY A 156 -20.53 -1.17 -10.73
CA GLY A 156 -21.00 -0.11 -11.58
C GLY A 156 -19.89 0.49 -12.41
N ASP A 157 -20.11 0.62 -13.71
CA ASP A 157 -19.12 1.18 -14.63
C ASP A 157 -18.24 2.30 -14.08
N ARG A 158 -18.87 3.32 -13.51
CA ARG A 158 -18.15 4.47 -12.99
C ARG A 158 -17.31 4.26 -11.73
N LEU A 159 -17.87 3.62 -10.71
CA LEU A 159 -17.11 3.36 -9.50
C LEU A 159 -16.02 2.36 -9.86
N TYR A 160 -16.28 1.56 -10.89
CA TYR A 160 -15.26 0.59 -11.30
C TYR A 160 -13.99 1.28 -11.83
N GLU A 161 -14.13 2.22 -12.77
CA GLU A 161 -12.93 2.90 -13.27
C GLU A 161 -12.26 3.69 -12.15
N ILE A 162 -13.05 4.19 -11.20
CA ILE A 162 -12.48 4.94 -10.08
C ILE A 162 -11.55 4.02 -9.29
N ILE A 163 -12.08 2.90 -8.79
CA ILE A 163 -11.27 2.00 -7.98
C ILE A 163 -10.03 1.38 -8.66
N GLN A 164 -9.99 1.37 -9.99
CA GLN A 164 -8.81 0.82 -10.66
C GLN A 164 -7.63 1.72 -10.38
N THR A 165 -7.89 3.00 -10.08
CA THR A 165 -6.84 3.95 -9.79
C THR A 165 -6.36 3.91 -8.34
N TRP A 166 -6.92 3.00 -7.55
CA TRP A 166 -6.50 2.90 -6.14
C TRP A 166 -5.13 2.22 -6.08
N SER A 167 -4.33 2.65 -5.11
CA SER A 167 -2.98 2.14 -4.91
C SER A 167 -2.89 0.62 -4.82
N HIS A 168 -3.89 0.01 -4.20
CA HIS A 168 -3.91 -1.44 -4.02
C HIS A 168 -4.70 -2.29 -5.01
N TYR A 169 -5.19 -1.69 -6.09
CA TYR A 169 -5.96 -2.45 -7.07
C TYR A 169 -5.09 -3.42 -7.88
N ARG A 170 -5.60 -4.64 -8.08
CA ARG A 170 -4.90 -5.68 -8.84
C ARG A 170 -5.95 -6.52 -9.60
N ALA A 171 -6.12 -6.23 -10.88
CA ALA A 171 -7.08 -6.93 -11.74
C ALA A 171 -7.18 -8.45 -11.52
N GLU B 1 -0.92 14.19 -6.14
CA GLU B 1 -1.23 15.00 -4.92
C GLU B 1 -1.12 14.16 -3.64
N ASP B 2 -2.14 14.22 -2.77
CA ASP B 2 -2.13 13.48 -1.52
C ASP B 2 -3.12 12.31 -1.53
N PRO B 3 -2.67 11.10 -1.15
CA PRO B 3 -3.54 9.93 -1.02
C PRO B 3 -4.54 10.11 0.12
N PRO B 4 -5.86 10.14 -0.22
CA PRO B 4 -6.94 10.33 0.76
C PRO B 4 -7.24 9.37 1.91
N ALA B 5 -6.73 9.69 3.10
CA ALA B 5 -6.93 8.86 4.29
C ALA B 5 -7.34 9.28 5.71
N CYS B 6 -6.37 9.83 6.44
CA CYS B 6 -6.41 10.01 7.91
C CYS B 6 -7.71 10.68 8.37
N GLY B 7 -8.40 9.93 9.21
CA GLY B 7 -9.65 10.36 9.80
C GLY B 7 -10.69 11.05 8.94
N SER B 8 -10.82 10.63 7.68
CA SER B 8 -11.80 11.20 6.75
C SER B 8 -12.16 12.68 6.91
N ILE B 9 -11.18 13.56 6.77
CA ILE B 9 -11.46 14.98 6.90
C ILE B 9 -12.05 15.60 5.63
N VAL B 10 -13.12 16.40 5.77
CA VAL B 10 -13.70 17.05 4.60
C VAL B 10 -12.70 18.15 4.32
N PRO B 11 -12.08 18.16 3.12
CA PRO B 11 -11.10 19.21 2.83
C PRO B 11 -11.64 20.62 2.61
N ARG B 12 -10.82 21.62 2.92
CA ARG B 12 -11.18 23.03 2.77
C ARG B 12 -12.01 23.28 1.54
N ARG B 13 -11.41 23.03 0.39
CA ARG B 13 -12.08 23.24 -0.87
C ARG B 13 -13.47 22.58 -0.97
N GLU B 14 -13.61 21.35 -0.46
CA GLU B 14 -14.92 20.66 -0.51
C GLU B 14 -16.02 21.42 0.26
N TRP B 15 -15.69 22.18 1.29
CA TRP B 15 -16.77 22.91 1.95
C TRP B 15 -16.85 24.37 1.52
N ARG B 16 -16.23 24.64 0.37
CA ARG B 16 -16.18 25.94 -0.30
C ARG B 16 -15.58 27.09 0.50
N ALA B 17 -14.51 26.78 1.23
CA ALA B 17 -13.82 27.74 2.05
C ALA B 17 -13.10 28.81 1.24
N LEU B 18 -12.94 29.98 1.84
CA LEU B 18 -12.24 31.08 1.20
C LEU B 18 -10.83 30.67 1.54
N ALA B 19 -9.86 31.02 0.72
CA ALA B 19 -8.47 30.65 0.98
C ALA B 19 -7.91 31.16 2.31
N SER B 20 -7.14 30.32 2.99
CA SER B 20 -6.56 30.71 4.26
C SER B 20 -5.52 31.79 3.99
N GLU B 21 -5.20 32.59 5.00
CA GLU B 21 -4.19 33.63 4.84
C GLU B 21 -3.30 33.62 6.07
N CYS B 22 -3.39 32.56 6.88
CA CYS B 22 -2.57 32.46 8.08
C CYS B 22 -1.21 31.87 7.81
N ARG B 23 -0.20 32.37 8.50
CA ARG B 23 1.14 31.85 8.32
C ARG B 23 1.85 31.49 9.62
N GLU B 24 1.19 31.67 10.76
CA GLU B 24 1.82 31.31 12.02
C GLU B 24 1.75 29.80 12.11
N ARG B 25 2.91 29.15 12.22
CA ARG B 25 2.96 27.70 12.32
C ARG B 25 2.99 27.20 13.77
N LEU B 26 2.40 26.02 13.96
CA LEU B 26 2.29 25.31 15.22
C LEU B 26 3.41 24.32 15.42
N THR B 27 3.83 24.13 16.66
CA THR B 27 4.96 23.26 16.98
C THR B 27 4.67 21.75 17.13
N ARG B 28 4.69 20.99 16.04
CA ARG B 28 4.46 19.58 16.14
C ARG B 28 5.60 19.03 16.98
N PRO B 29 5.30 18.28 18.02
CA PRO B 29 3.93 17.85 18.26
C PRO B 29 3.28 18.47 19.48
N VAL B 30 2.01 18.81 19.39
CA VAL B 30 1.34 19.54 20.45
C VAL B 30 0.70 18.77 21.60
N ARG B 31 0.88 19.29 22.81
CA ARG B 31 0.33 18.73 24.03
C ARG B 31 -1.13 18.81 24.32
N TYR B 32 -1.73 19.96 24.09
CA TYR B 32 -3.14 20.14 24.40
C TYR B 32 -4.14 20.17 23.22
N VAL B 33 -5.38 19.89 23.58
CA VAL B 33 -6.50 19.88 22.66
C VAL B 33 -7.64 20.53 23.43
N VAL B 34 -8.17 21.63 22.91
CA VAL B 34 -9.27 22.31 23.58
C VAL B 34 -10.60 22.08 22.85
N VAL B 35 -11.61 21.60 23.56
CA VAL B 35 -12.90 21.36 22.92
C VAL B 35 -13.87 22.50 23.16
N SER B 36 -14.45 23.03 22.10
CA SER B 36 -15.40 24.13 22.20
C SER B 36 -16.62 23.82 21.34
N HIS B 37 -17.66 24.63 21.48
CA HIS B 37 -18.82 24.46 20.62
C HIS B 37 -18.88 25.84 19.99
N THR B 38 -19.33 25.93 18.75
CA THR B 38 -19.37 27.21 18.05
C THR B 38 -20.44 28.18 18.55
N ALA B 39 -21.51 27.63 19.11
CA ALA B 39 -22.66 28.38 19.63
C ALA B 39 -23.47 28.93 18.46
N GLY B 40 -23.38 28.27 17.32
CA GLY B 40 -24.13 28.73 16.16
C GLY B 40 -25.21 27.73 15.86
N SER B 41 -25.71 27.71 14.63
CA SER B 41 -26.76 26.78 14.23
C SER B 41 -26.16 25.39 14.12
N HIS B 42 -26.94 24.35 14.39
CA HIS B 42 -26.39 23.02 14.22
C HIS B 42 -27.04 22.49 12.96
N CYS B 43 -26.31 21.61 12.30
CA CYS B 43 -26.70 20.99 11.04
C CYS B 43 -26.50 19.48 11.18
N ASP B 44 -27.13 18.68 10.33
CA ASP B 44 -26.87 17.26 10.45
C ASP B 44 -26.78 16.46 9.14
N THR B 45 -26.57 17.15 8.03
CA THR B 45 -26.43 16.49 6.74
C THR B 45 -25.11 17.04 6.23
N PRO B 46 -24.48 16.37 5.27
CA PRO B 46 -23.22 16.97 4.82
C PRO B 46 -23.48 18.31 4.15
N ALA B 47 -24.65 18.42 3.52
CA ALA B 47 -25.03 19.63 2.82
C ALA B 47 -25.20 20.80 3.79
N SER B 48 -25.92 20.57 4.90
CA SER B 48 -26.14 21.63 5.87
C SER B 48 -24.88 22.01 6.66
N CYS B 49 -24.05 21.03 6.94
CA CYS B 49 -22.85 21.28 7.70
C CYS B 49 -21.71 21.97 6.92
N ALA B 50 -21.65 21.76 5.62
CA ALA B 50 -20.62 22.45 4.84
C ALA B 50 -21.06 23.91 4.89
N GLN B 51 -22.33 24.15 4.58
CA GLN B 51 -22.85 25.51 4.61
C GLN B 51 -22.61 26.17 5.96
N GLN B 52 -22.59 25.38 7.04
CA GLN B 52 -22.36 25.96 8.35
C GLN B 52 -20.86 26.24 8.58
N ALA B 53 -19.99 25.39 8.06
CA ALA B 53 -18.56 25.62 8.21
C ALA B 53 -18.31 26.94 7.49
N GLN B 54 -18.88 27.04 6.30
CA GLN B 54 -18.77 28.22 5.45
C GLN B 54 -19.23 29.47 6.20
N ASN B 55 -20.32 29.33 6.96
CA ASN B 55 -20.86 30.44 7.71
C ASN B 55 -19.98 30.81 8.90
N VAL B 56 -19.37 29.83 9.56
CA VAL B 56 -18.52 30.14 10.70
C VAL B 56 -17.27 30.87 10.24
N GLN B 57 -16.62 30.35 9.20
CA GLN B 57 -15.40 30.96 8.66
C GLN B 57 -15.69 32.37 8.18
N SER B 58 -16.84 32.53 7.52
CA SER B 58 -17.21 33.84 7.02
C SER B 58 -17.33 34.87 8.12
N TYR B 59 -17.83 34.47 9.28
CA TYR B 59 -17.96 35.41 10.38
C TYR B 59 -16.58 35.78 10.91
N HIS B 60 -15.68 34.81 10.93
CA HIS B 60 -14.33 35.06 11.42
C HIS B 60 -13.48 35.87 10.46
N VAL B 61 -13.76 35.79 9.17
CA VAL B 61 -12.95 36.53 8.20
C VAL B 61 -13.54 37.89 7.79
N ARG B 62 -14.73 37.88 7.22
CA ARG B 62 -15.37 39.11 6.79
C ARG B 62 -15.66 40.05 7.95
N ASN B 63 -16.04 39.50 9.09
CA ASN B 63 -16.36 40.33 10.23
C ASN B 63 -15.25 40.59 11.25
N LEU B 64 -14.70 39.52 11.81
CA LEU B 64 -13.66 39.64 12.83
C LEU B 64 -12.28 39.96 12.28
N GLY B 65 -12.13 39.93 10.96
CA GLY B 65 -10.85 40.23 10.35
C GLY B 65 -9.77 39.17 10.44
N TRP B 66 -10.09 38.01 11.02
CA TRP B 66 -9.11 36.93 11.14
C TRP B 66 -8.58 36.38 9.81
N CYS B 67 -7.36 35.84 9.85
CA CYS B 67 -6.71 35.28 8.66
C CYS B 67 -7.42 34.04 8.10
N ASP B 68 -8.26 33.41 8.93
CA ASP B 68 -9.02 32.21 8.54
C ASP B 68 -9.92 31.78 9.71
N VAL B 69 -10.78 30.79 9.48
CA VAL B 69 -11.67 30.32 10.53
C VAL B 69 -10.78 30.03 11.74
N GLY B 70 -11.26 30.36 12.93
CA GLY B 70 -10.46 30.18 14.13
C GLY B 70 -9.97 28.81 14.56
N TYR B 71 -10.83 27.80 14.44
CA TYR B 71 -10.49 26.44 14.86
C TYR B 71 -9.64 25.63 13.89
N ASN B 72 -8.93 24.65 14.43
CA ASN B 72 -8.09 23.79 13.60
C ASN B 72 -9.01 22.81 12.86
N PHE B 73 -10.10 22.43 13.52
CA PHE B 73 -11.08 21.52 12.92
C PHE B 73 -12.47 21.77 13.50
N LEU B 74 -13.49 21.50 12.68
CA LEU B 74 -14.89 21.62 13.05
C LEU B 74 -15.53 20.21 12.93
N ILE B 75 -16.34 19.82 13.90
CA ILE B 75 -17.02 18.52 13.89
C ILE B 75 -18.49 18.78 13.65
N GLY B 76 -19.05 18.28 12.56
CA GLY B 76 -20.46 18.50 12.29
C GLY B 76 -21.31 17.39 12.86
N GLU B 77 -22.60 17.64 13.11
CA GLU B 77 -23.44 16.59 13.65
C GLU B 77 -23.71 15.46 12.68
N ASP B 78 -23.36 15.70 11.41
CA ASP B 78 -23.52 14.71 10.37
C ASP B 78 -22.47 13.63 10.62
N GLY B 79 -21.56 13.90 11.55
CA GLY B 79 -20.53 12.93 11.86
C GLY B 79 -19.28 13.02 11.01
N LEU B 80 -19.06 14.16 10.37
CA LEU B 80 -17.87 14.33 9.56
C LEU B 80 -17.00 15.36 10.23
N VAL B 81 -15.70 15.34 9.94
CA VAL B 81 -14.79 16.32 10.51
C VAL B 81 -14.48 17.32 9.41
N TYR B 82 -14.47 18.59 9.74
CA TYR B 82 -14.19 19.62 8.76
C TYR B 82 -12.88 20.30 8.98
N GLU B 83 -12.09 20.40 7.92
CA GLU B 83 -10.79 21.01 8.02
C GLU B 83 -10.84 22.53 8.16
N GLY B 84 -10.37 22.99 9.30
CA GLY B 84 -10.31 24.41 9.51
C GLY B 84 -8.89 24.75 9.11
N ARG B 85 -8.08 25.09 10.10
CA ARG B 85 -6.69 25.45 9.90
C ARG B 85 -5.72 24.26 9.94
N GLY B 86 -6.25 23.07 10.18
CA GLY B 86 -5.42 21.87 10.20
C GLY B 86 -4.47 21.68 11.38
N TRP B 87 -3.60 20.68 11.23
CA TRP B 87 -2.62 20.31 12.25
C TRP B 87 -1.38 21.20 12.27
N ASN B 88 -1.19 22.02 11.24
CA ASN B 88 0.00 22.85 11.18
C ASN B 88 -0.08 24.34 11.49
N ILE B 89 -1.21 24.95 11.20
CA ILE B 89 -1.35 26.37 11.43
C ILE B 89 -1.96 26.68 12.80
N LYS B 90 -1.26 27.51 13.59
CA LYS B 90 -1.72 27.88 14.92
C LYS B 90 -3.14 28.40 14.81
N GLY B 91 -4.03 27.91 15.68
CA GLY B 91 -5.41 28.36 15.63
C GLY B 91 -5.64 29.67 16.36
N ALA B 92 -6.91 29.94 16.65
CA ALA B 92 -7.35 31.13 17.34
C ALA B 92 -8.70 30.70 17.86
N HIS B 93 -8.71 30.10 19.03
CA HIS B 93 -9.94 29.59 19.58
C HIS B 93 -9.99 29.64 21.09
N ALA B 94 -8.83 29.82 21.72
CA ALA B 94 -8.75 29.85 23.17
C ALA B 94 -7.79 30.87 23.79
N GLY B 95 -7.61 32.02 23.16
CA GLY B 95 -6.71 33.01 23.75
C GLY B 95 -5.22 32.85 23.48
N PRO B 96 -4.42 33.89 23.79
CA PRO B 96 -2.97 33.93 23.61
C PRO B 96 -2.16 32.82 24.28
N THR B 97 -2.48 32.50 25.54
CA THR B 97 -1.74 31.45 26.24
C THR B 97 -1.88 30.07 25.59
N TRP B 98 -3.12 29.74 25.22
CA TRP B 98 -3.43 28.43 24.64
C TRP B 98 -3.35 28.21 23.13
N ASN B 99 -3.56 29.24 22.33
CA ASN B 99 -3.53 29.07 20.88
C ASN B 99 -2.22 28.54 20.27
N PRO B 100 -1.10 29.01 20.76
CA PRO B 100 0.19 28.52 20.30
C PRO B 100 0.45 27.07 20.64
N ILE B 101 0.03 26.63 21.81
CA ILE B 101 0.33 25.29 22.25
C ILE B 101 -0.74 24.19 22.20
N SER B 102 -1.94 24.49 21.75
CA SER B 102 -2.99 23.50 21.79
C SER B 102 -3.74 23.49 20.50
N ILE B 103 -4.43 22.40 20.23
CA ILE B 103 -5.14 22.29 18.96
C ILE B 103 -6.60 22.43 19.32
N GLY B 104 -7.30 23.31 18.60
CA GLY B 104 -8.70 23.51 18.92
C GLY B 104 -9.65 22.85 17.94
N ILE B 105 -10.63 22.13 18.47
CA ILE B 105 -11.62 21.49 17.62
C ILE B 105 -12.97 21.95 18.15
N SER B 106 -13.88 22.28 17.24
CA SER B 106 -15.16 22.79 17.66
C SER B 106 -16.35 22.04 17.10
N PHE B 107 -17.32 21.79 17.98
CA PHE B 107 -18.57 21.11 17.63
C PHE B 107 -19.54 22.16 17.15
N MET B 108 -20.12 21.94 15.97
CA MET B 108 -21.04 22.91 15.41
C MET B 108 -22.46 22.80 15.94
N GLY B 109 -22.77 23.68 16.88
CA GLY B 109 -24.08 23.69 17.51
C GLY B 109 -24.00 24.24 18.93
N ASN B 110 -25.15 24.41 19.56
CA ASN B 110 -25.13 24.90 20.93
C ASN B 110 -25.38 23.66 21.76
N TYR B 111 -24.47 23.34 22.66
CA TYR B 111 -24.67 22.14 23.45
C TYR B 111 -24.85 22.39 24.94
N MET B 112 -25.58 23.46 25.24
CA MET B 112 -25.91 23.88 26.58
C MET B 112 -27.07 23.01 27.02
N ASN B 113 -28.08 22.92 26.15
CA ASN B 113 -29.28 22.16 26.42
C ASN B 113 -29.42 20.94 25.49
N ARG B 114 -28.28 20.47 24.97
CA ARG B 114 -28.26 19.33 24.02
C ARG B 114 -26.88 18.66 23.95
N VAL B 115 -26.84 17.44 23.41
CA VAL B 115 -25.56 16.72 23.21
C VAL B 115 -25.41 16.44 21.74
N PRO B 116 -24.17 16.26 21.28
CA PRO B 116 -24.02 15.98 19.85
C PRO B 116 -24.11 14.46 19.73
N PRO B 117 -24.54 13.96 18.57
CA PRO B 117 -24.69 12.53 18.27
C PRO B 117 -23.44 11.70 18.54
N PRO B 118 -23.61 10.39 18.75
CA PRO B 118 -22.44 9.56 19.00
C PRO B 118 -21.43 9.72 17.84
N ARG B 119 -21.95 9.82 16.62
CA ARG B 119 -21.08 9.94 15.46
C ARG B 119 -20.21 11.20 15.49
N ALA B 120 -20.71 12.24 16.15
CA ALA B 120 -19.93 13.46 16.24
C ALA B 120 -18.82 13.17 17.23
N LEU B 121 -19.18 12.50 18.33
CA LEU B 121 -18.17 12.18 19.34
C LEU B 121 -17.16 11.18 18.73
N ARG B 122 -17.61 10.29 17.85
CA ARG B 122 -16.67 9.33 17.24
C ARG B 122 -15.70 10.05 16.31
N ALA B 123 -16.23 10.90 15.44
CA ALA B 123 -15.38 11.64 14.52
C ALA B 123 -14.32 12.41 15.29
N ALA B 124 -14.71 12.92 16.46
CA ALA B 124 -13.81 13.69 17.32
C ALA B 124 -12.61 12.92 17.89
N GLN B 125 -12.90 11.94 18.75
CA GLN B 125 -11.87 11.12 19.37
C GLN B 125 -11.00 10.47 18.29
N ASN B 126 -11.67 10.05 17.21
CA ASN B 126 -11.00 9.43 16.08
C ASN B 126 -10.19 10.44 15.27
N LEU B 127 -10.42 11.73 15.49
CA LEU B 127 -9.66 12.76 14.78
C LEU B 127 -8.38 12.92 15.57
N LEU B 128 -8.50 12.91 16.90
CA LEU B 128 -7.34 13.05 17.75
C LEU B 128 -6.42 11.85 17.58
N ALA B 129 -7.02 10.65 17.52
CA ALA B 129 -6.23 9.44 17.33
C ALA B 129 -5.45 9.56 16.03
N CYS B 130 -6.11 10.05 14.98
CA CYS B 130 -5.46 10.21 13.68
C CYS B 130 -4.40 11.32 13.80
N GLY B 131 -4.52 12.14 14.83
CA GLY B 131 -3.53 13.19 15.01
C GLY B 131 -2.20 12.54 15.34
N VAL B 132 -2.20 11.73 16.40
CA VAL B 132 -1.02 11.02 16.87
C VAL B 132 -0.14 10.44 15.74
N ALA B 133 -0.74 9.64 14.89
CA ALA B 133 -0.02 8.98 13.85
C ALA B 133 0.59 9.95 12.87
N LEU B 134 0.21 11.21 12.96
CA LEU B 134 0.79 12.21 12.10
C LEU B 134 2.04 12.78 12.76
N GLY B 135 2.02 12.92 14.06
CA GLY B 135 3.09 13.58 14.77
C GLY B 135 2.58 14.93 15.20
N ALA B 136 1.40 15.23 14.71
CA ALA B 136 0.62 16.39 15.06
C ALA B 136 0.35 16.35 16.56
N LEU B 137 -0.21 15.25 16.99
CA LEU B 137 -0.54 15.08 18.36
C LEU B 137 0.36 14.03 18.98
N ARG B 138 0.99 14.42 20.07
CA ARG B 138 1.85 13.54 20.80
C ARG B 138 0.96 12.47 21.36
N SER B 139 1.51 11.30 21.56
CA SER B 139 0.75 10.14 21.96
C SER B 139 0.01 10.40 23.24
N ASN B 140 0.61 11.12 24.12
CA ASN B 140 -0.09 11.37 25.37
C ASN B 140 -0.52 12.83 25.51
N TYR B 141 -1.49 13.19 24.69
CA TYR B 141 -2.08 14.52 24.65
C TYR B 141 -3.07 14.68 25.78
N GLU B 142 -3.25 15.90 26.25
CA GLU B 142 -4.19 16.16 27.32
C GLU B 142 -5.30 16.96 26.69
N VAL B 143 -6.53 16.68 27.13
CA VAL B 143 -7.71 17.34 26.61
C VAL B 143 -8.37 18.23 27.64
N LYS B 144 -8.44 19.52 27.31
CA LYS B 144 -9.05 20.52 28.17
C LYS B 144 -10.33 20.99 27.49
N GLY B 145 -11.26 21.49 28.27
CA GLY B 145 -12.50 21.99 27.71
C GLY B 145 -12.27 23.48 27.57
N HIS B 146 -13.20 24.20 26.93
CA HIS B 146 -13.03 25.64 26.76
C HIS B 146 -13.17 26.38 28.09
N ARG B 147 -13.98 25.84 29.00
CA ARG B 147 -14.20 26.45 30.30
C ARG B 147 -12.92 26.38 31.14
N ASP B 148 -12.30 25.21 31.12
CA ASP B 148 -11.07 24.96 31.89
C ASP B 148 -9.93 25.81 31.37
N VAL B 149 -10.22 26.60 30.35
CA VAL B 149 -9.16 27.32 29.69
C VAL B 149 -9.37 28.82 29.46
N GLN B 150 -10.61 29.26 29.64
CA GLN B 150 -10.97 30.66 29.38
C GLN B 150 -12.40 30.77 29.86
N PRO B 151 -12.78 31.91 30.44
CA PRO B 151 -14.15 32.10 30.94
C PRO B 151 -15.18 32.06 29.83
N THR B 152 -15.78 30.89 29.60
CA THR B 152 -16.81 30.70 28.58
C THR B 152 -17.77 29.62 29.03
N LEU B 153 -19.00 29.67 28.52
CA LEU B 153 -19.97 28.67 28.86
C LEU B 153 -19.66 27.50 27.90
N SER B 154 -18.92 27.83 26.83
CA SER B 154 -18.50 26.85 25.82
C SER B 154 -17.72 25.74 26.53
N PRO B 155 -17.82 24.48 26.07
CA PRO B 155 -18.57 23.92 24.95
C PRO B 155 -20.02 23.53 25.24
N GLY B 156 -20.58 24.08 26.31
CA GLY B 156 -21.95 23.76 26.63
C GLY B 156 -22.04 22.81 27.80
N ASP B 157 -23.04 23.02 28.65
CA ASP B 157 -23.25 22.18 29.83
C ASP B 157 -23.18 20.69 29.52
N ARG B 158 -24.14 20.21 28.75
CA ARG B 158 -24.19 18.80 28.40
C ARG B 158 -22.98 18.22 27.64
N LEU B 159 -22.38 18.99 26.74
CA LEU B 159 -21.22 18.51 25.99
C LEU B 159 -20.02 18.47 26.93
N TYR B 160 -19.96 19.45 27.83
CA TYR B 160 -18.86 19.52 28.78
C TYR B 160 -18.81 18.27 29.66
N GLU B 161 -19.96 17.80 30.11
CA GLU B 161 -20.00 16.64 30.93
C GLU B 161 -19.41 15.49 30.21
N ILE B 162 -19.75 15.32 28.95
CA ILE B 162 -19.29 14.19 28.21
C ILE B 162 -17.80 14.18 28.12
N ILE B 163 -17.24 15.34 27.92
CA ILE B 163 -15.83 15.46 27.70
C ILE B 163 -15.02 14.94 28.81
N GLN B 164 -15.52 15.10 30.02
CA GLN B 164 -14.79 14.70 31.22
C GLN B 164 -14.66 13.18 31.36
N THR B 165 -15.51 12.44 30.64
CA THR B 165 -15.47 10.98 30.67
C THR B 165 -14.29 10.52 29.84
N TRP B 166 -13.98 11.29 28.80
CA TRP B 166 -12.90 10.96 27.89
C TRP B 166 -11.58 10.54 28.53
N SER B 167 -10.89 9.66 27.81
CA SER B 167 -9.62 9.10 28.20
C SER B 167 -8.46 10.03 28.58
N HIS B 168 -7.97 10.78 27.60
CA HIS B 168 -6.84 11.69 27.80
C HIS B 168 -7.33 13.05 28.35
N TYR B 169 -8.16 13.03 29.39
CA TYR B 169 -8.67 14.29 29.97
C TYR B 169 -7.93 14.69 31.25
N ARG B 170 -7.11 15.75 31.16
CA ARG B 170 -6.37 16.27 32.32
C ARG B 170 -6.86 17.69 32.58
N ALA B 171 -7.80 17.86 33.51
CA ALA B 171 -8.33 19.20 33.80
C ALA B 171 -7.48 19.97 34.79
N GLU C 1 -3.88 -32.98 -28.63
CA GLU C 1 -4.36 -32.92 -27.21
C GLU C 1 -4.64 -34.35 -26.72
N ASP C 2 -3.59 -35.17 -26.70
CA ASP C 2 -3.67 -36.56 -26.27
C ASP C 2 -3.63 -36.71 -24.73
N PRO C 3 -3.48 -37.94 -24.21
CA PRO C 3 -3.45 -38.10 -22.75
C PRO C 3 -2.11 -38.40 -22.05
N PRO C 4 -0.96 -38.03 -22.66
CA PRO C 4 0.32 -38.33 -21.99
C PRO C 4 0.53 -37.86 -20.54
N ALA C 5 0.83 -38.82 -19.66
CA ALA C 5 1.06 -38.54 -18.25
C ALA C 5 2.52 -38.09 -18.15
N CYS C 6 2.81 -37.00 -18.86
CA CYS C 6 4.13 -36.42 -18.91
C CYS C 6 4.64 -35.89 -17.60
N GLY C 7 5.96 -35.82 -17.49
CA GLY C 7 6.61 -35.31 -16.30
C GLY C 7 6.25 -35.92 -14.96
N SER C 8 7.30 -36.13 -14.15
CA SER C 8 7.13 -36.66 -12.82
C SER C 8 7.45 -35.44 -12.00
N ILE C 9 6.40 -34.67 -11.76
CA ILE C 9 6.44 -33.44 -11.00
C ILE C 9 6.09 -33.84 -9.57
N VAL C 10 6.84 -33.32 -8.60
CA VAL C 10 6.59 -33.62 -7.20
C VAL C 10 5.48 -32.68 -6.74
N PRO C 11 4.33 -33.24 -6.32
CA PRO C 11 3.20 -32.43 -5.86
C PRO C 11 3.49 -31.54 -4.66
N ARG C 12 2.69 -30.49 -4.54
CA ARG C 12 2.86 -29.59 -3.43
C ARG C 12 2.78 -30.36 -2.11
N ARG C 13 1.74 -31.17 -1.94
CA ARG C 13 1.59 -31.93 -0.71
C ARG C 13 2.83 -32.76 -0.38
N GLU C 14 3.46 -33.34 -1.41
CA GLU C 14 4.65 -34.15 -1.23
C GLU C 14 5.86 -33.36 -0.73
N TRP C 15 6.06 -32.11 -1.15
CA TRP C 15 7.19 -31.38 -0.59
C TRP C 15 6.69 -30.53 0.56
N ARG C 16 5.39 -30.69 0.84
CA ARG C 16 4.68 -30.02 1.92
C ARG C 16 4.49 -28.50 1.82
N ALA C 17 4.03 -28.06 0.66
CA ALA C 17 3.79 -26.65 0.40
C ALA C 17 2.76 -26.11 1.38
N LEU C 18 2.88 -24.84 1.75
CA LEU C 18 1.90 -24.25 2.63
C LEU C 18 0.88 -23.98 1.55
N ALA C 19 -0.40 -23.98 1.92
CA ALA C 19 -1.46 -23.74 0.95
C ALA C 19 -1.29 -22.39 0.27
N SER C 20 -1.36 -22.39 -1.05
CA SER C 20 -1.24 -21.16 -1.81
C SER C 20 -2.50 -20.30 -1.61
N GLU C 21 -2.41 -19.03 -1.95
CA GLU C 21 -3.53 -18.12 -1.83
C GLU C 21 -3.74 -17.37 -3.14
N CYS C 22 -2.95 -17.69 -4.15
CA CYS C 22 -3.05 -17.04 -5.44
C CYS C 22 -4.30 -17.46 -6.22
N ARG C 23 -4.90 -16.50 -6.91
CA ARG C 23 -6.12 -16.76 -7.69
C ARG C 23 -5.99 -16.29 -9.14
N GLU C 24 -4.93 -15.55 -9.42
CA GLU C 24 -4.69 -15.05 -10.77
C GLU C 24 -4.35 -16.17 -11.72
N ARG C 25 -5.02 -16.17 -12.88
CA ARG C 25 -4.80 -17.22 -13.87
C ARG C 25 -4.02 -16.83 -15.11
N LEU C 26 -3.35 -17.82 -15.69
CA LEU C 26 -2.58 -17.66 -16.90
C LEU C 26 -3.46 -18.16 -18.02
N THR C 27 -3.35 -17.57 -19.20
CA THR C 27 -4.16 -18.07 -20.30
C THR C 27 -3.34 -19.03 -21.16
N ARG C 28 -3.84 -20.26 -21.32
CA ARG C 28 -3.11 -21.25 -22.10
C ARG C 28 -3.59 -21.25 -23.57
N PRO C 29 -2.67 -21.53 -24.52
CA PRO C 29 -1.24 -21.84 -24.33
C PRO C 29 -0.35 -20.62 -24.06
N VAL C 30 0.53 -20.75 -23.07
CA VAL C 30 1.46 -19.68 -22.71
C VAL C 30 2.57 -19.65 -23.76
N ARG C 31 2.92 -18.47 -24.25
CA ARG C 31 3.95 -18.30 -25.29
C ARG C 31 5.40 -18.26 -24.81
N TYR C 32 5.61 -18.00 -23.52
CA TYR C 32 6.97 -17.88 -22.94
C TYR C 32 7.36 -18.66 -21.69
N VAL C 33 8.67 -18.87 -21.53
CA VAL C 33 9.23 -19.54 -20.36
C VAL C 33 10.45 -18.72 -19.93
N VAL C 34 10.54 -18.38 -18.64
CA VAL C 34 11.68 -17.59 -18.13
C VAL C 34 12.46 -18.40 -17.10
N VAL C 35 13.73 -18.63 -17.40
CA VAL C 35 14.62 -19.42 -16.54
C VAL C 35 15.45 -18.64 -15.53
N SER C 36 15.22 -18.90 -14.25
CA SER C 36 15.97 -18.22 -13.20
C SER C 36 16.53 -19.27 -12.28
N HIS C 37 17.36 -18.86 -11.34
CA HIS C 37 17.88 -19.79 -10.36
C HIS C 37 17.45 -19.09 -9.10
N THR C 38 17.55 -19.78 -7.97
CA THR C 38 17.15 -19.21 -6.68
C THR C 38 18.31 -18.46 -6.03
N ALA C 39 19.48 -18.56 -6.64
CA ALA C 39 20.71 -17.91 -6.15
C ALA C 39 21.08 -18.42 -4.76
N GLY C 40 20.32 -19.38 -4.23
CA GLY C 40 20.59 -19.91 -2.91
C GLY C 40 21.41 -21.20 -2.77
N SER C 41 21.36 -21.81 -1.60
CA SER C 41 22.11 -23.06 -1.37
C SER C 41 21.37 -24.16 -2.11
N HIS C 42 22.09 -25.15 -2.60
CA HIS C 42 21.43 -26.22 -3.35
C HIS C 42 21.16 -27.56 -2.61
N CYS C 43 20.51 -28.48 -3.32
CA CYS C 43 20.13 -29.79 -2.79
C CYS C 43 20.27 -30.89 -3.85
N ASP C 44 20.80 -32.05 -3.47
CA ASP C 44 20.92 -33.13 -4.44
C ASP C 44 20.09 -34.36 -4.09
N THR C 45 19.23 -34.27 -3.09
CA THR C 45 18.38 -35.39 -2.69
C THR C 45 16.89 -35.05 -2.68
N PRO C 46 16.03 -36.07 -2.89
CA PRO C 46 14.61 -35.78 -2.87
C PRO C 46 14.24 -35.29 -1.48
N ALA C 47 15.13 -35.58 -0.52
CA ALA C 47 14.89 -35.17 0.86
C ALA C 47 15.31 -33.73 1.14
N SER C 48 16.49 -33.34 0.69
CA SER C 48 16.91 -31.97 0.92
C SER C 48 16.12 -31.08 -0.02
N CYS C 49 16.01 -31.50 -1.27
CA CYS C 49 15.25 -30.69 -2.23
C CYS C 49 13.82 -30.39 -1.77
N ALA C 50 13.13 -31.36 -1.19
CA ALA C 50 11.79 -31.09 -0.70
C ALA C 50 11.93 -29.96 0.33
N GLN C 51 12.95 -30.07 1.18
CA GLN C 51 13.21 -29.06 2.20
C GLN C 51 13.54 -27.70 1.62
N GLN C 52 14.42 -27.68 0.63
CA GLN C 52 14.81 -26.43 0.01
C GLN C 52 13.57 -25.76 -0.58
N ALA C 53 12.76 -26.53 -1.29
CA ALA C 53 11.54 -25.98 -1.88
C ALA C 53 10.72 -25.35 -0.77
N GLN C 54 10.74 -25.96 0.42
CA GLN C 54 9.99 -25.40 1.54
C GLN C 54 10.58 -24.04 1.93
N ASN C 55 11.91 -24.02 2.07
CA ASN C 55 12.64 -22.81 2.45
C ASN C 55 12.28 -21.66 1.51
N VAL C 56 12.43 -21.92 0.22
CA VAL C 56 12.13 -20.90 -0.77
C VAL C 56 10.70 -20.37 -0.64
N GLN C 57 9.71 -21.24 -0.48
CA GLN C 57 8.31 -20.79 -0.33
C GLN C 57 8.17 -19.90 0.91
N SER C 58 8.80 -20.35 1.98
CA SER C 58 8.80 -19.67 3.27
C SER C 58 9.33 -18.24 3.09
N TYR C 59 10.37 -18.10 2.29
CA TYR C 59 10.96 -16.79 2.02
C TYR C 59 9.90 -15.94 1.33
N HIS C 60 9.42 -16.41 0.18
CA HIS C 60 8.41 -15.67 -0.56
C HIS C 60 7.11 -15.43 0.20
N VAL C 61 6.69 -16.40 1.01
CA VAL C 61 5.43 -16.25 1.73
C VAL C 61 5.52 -15.55 3.09
N ARG C 62 6.45 -15.95 3.94
CA ARG C 62 6.59 -15.33 5.27
C ARG C 62 7.36 -14.01 5.32
N ASN C 63 8.45 -13.91 4.57
CA ASN C 63 9.24 -12.68 4.57
C ASN C 63 8.59 -11.65 3.67
N LEU C 64 8.43 -12.00 2.40
CA LEU C 64 7.83 -11.10 1.41
C LEU C 64 6.30 -11.00 1.37
N GLY C 65 5.60 -11.74 2.23
CA GLY C 65 4.15 -11.70 2.28
C GLY C 65 3.43 -11.93 0.96
N TRP C 66 3.91 -12.90 0.19
CA TRP C 66 3.33 -13.25 -1.12
C TRP C 66 2.28 -14.35 -1.04
N CYS C 67 1.46 -14.50 -2.07
CA CYS C 67 0.41 -15.53 -2.06
C CYS C 67 0.92 -16.96 -2.24
N ASP C 68 2.18 -17.13 -2.63
CA ASP C 68 2.77 -18.47 -2.81
C ASP C 68 4.20 -18.31 -3.27
N VAL C 69 4.92 -19.41 -3.38
CA VAL C 69 6.30 -19.27 -3.83
C VAL C 69 6.10 -18.66 -5.22
N GLY C 70 7.05 -17.83 -5.66
CA GLY C 70 6.89 -17.17 -6.94
C GLY C 70 6.89 -17.90 -8.28
N TYR C 71 7.70 -18.95 -8.41
CA TYR C 71 7.81 -19.66 -9.67
C TYR C 71 6.72 -20.69 -9.90
N ASN C 72 6.54 -21.07 -11.15
CA ASN C 72 5.53 -22.04 -11.46
C ASN C 72 6.08 -23.43 -11.18
N PHE C 73 7.39 -23.61 -11.38
CA PHE C 73 8.04 -24.89 -11.09
C PHE C 73 9.48 -24.64 -10.70
N LEU C 74 10.02 -25.50 -9.84
CA LEU C 74 11.42 -25.40 -9.40
C LEU C 74 12.05 -26.70 -9.77
N ILE C 75 13.31 -26.62 -10.19
CA ILE C 75 14.06 -27.80 -10.59
C ILE C 75 15.19 -28.07 -9.61
N GLY C 76 15.20 -29.27 -9.03
CA GLY C 76 16.24 -29.60 -8.08
C GLY C 76 17.44 -30.29 -8.70
N GLU C 77 18.53 -30.33 -7.96
CA GLU C 77 19.74 -30.96 -8.45
C GLU C 77 19.58 -32.46 -8.22
N ASP C 78 18.48 -32.83 -7.60
CA ASP C 78 18.23 -34.24 -7.34
C ASP C 78 17.64 -34.88 -8.59
N GLY C 79 17.27 -34.03 -9.54
CA GLY C 79 16.69 -34.51 -10.80
C GLY C 79 15.18 -34.45 -10.91
N LEU C 80 14.52 -33.87 -9.91
CA LEU C 80 13.07 -33.79 -9.92
C LEU C 80 12.53 -32.37 -10.12
N VAL C 81 11.25 -32.30 -10.43
CA VAL C 81 10.58 -31.02 -10.64
C VAL C 81 9.51 -30.84 -9.57
N TYR C 82 9.62 -29.73 -8.83
CA TYR C 82 8.68 -29.43 -7.76
C TYR C 82 7.61 -28.48 -8.24
N GLU C 83 6.36 -28.83 -7.95
CA GLU C 83 5.22 -28.01 -8.34
C GLU C 83 5.23 -26.70 -7.56
N GLY C 84 5.15 -25.60 -8.29
CA GLY C 84 5.11 -24.30 -7.63
C GLY C 84 3.68 -23.91 -7.81
N ARG C 85 3.45 -22.91 -8.66
CA ARG C 85 2.09 -22.49 -8.91
C ARG C 85 1.52 -23.25 -10.10
N GLY C 86 2.27 -24.23 -10.62
CA GLY C 86 1.79 -25.01 -11.75
C GLY C 86 1.54 -24.25 -13.04
N TRP C 87 0.96 -24.94 -14.03
CA TRP C 87 0.69 -24.42 -15.36
C TRP C 87 -0.39 -23.36 -15.51
N ASN C 88 -1.30 -23.30 -14.55
CA ASN C 88 -2.43 -22.39 -14.63
C ASN C 88 -2.46 -21.08 -13.84
N ILE C 89 -1.70 -20.97 -12.77
CA ILE C 89 -1.74 -19.74 -11.99
C ILE C 89 -0.56 -18.86 -12.40
N LYS C 90 -0.77 -17.55 -12.45
CA LYS C 90 0.28 -16.62 -12.86
C LYS C 90 1.34 -16.50 -11.78
N GLY C 91 2.59 -16.78 -12.13
CA GLY C 91 3.65 -16.68 -11.15
C GLY C 91 4.06 -15.25 -10.83
N ALA C 92 5.08 -15.11 -9.99
CA ALA C 92 5.66 -13.81 -9.58
C ALA C 92 7.14 -14.06 -9.64
N HIS C 93 7.68 -14.07 -10.85
CA HIS C 93 9.09 -14.41 -11.05
C HIS C 93 9.89 -13.52 -12.02
N ALA C 94 9.22 -12.64 -12.74
CA ALA C 94 9.96 -11.80 -13.67
C ALA C 94 9.27 -10.46 -13.97
N GLY C 95 8.48 -9.94 -13.03
CA GLY C 95 7.84 -8.65 -13.28
C GLY C 95 6.45 -8.62 -13.91
N PRO C 96 5.77 -7.46 -13.85
CA PRO C 96 4.42 -7.18 -14.36
C PRO C 96 4.18 -7.43 -15.84
N THR C 97 5.23 -7.28 -16.65
CA THR C 97 5.07 -7.45 -18.08
C THR C 97 5.23 -8.88 -18.59
N TRP C 98 6.04 -9.69 -17.93
CA TRP C 98 6.25 -11.05 -18.38
C TRP C 98 5.48 -12.13 -17.58
N ASN C 99 5.16 -11.83 -16.32
CA ASN C 99 4.43 -12.78 -15.49
C ASN C 99 3.14 -13.25 -16.17
N PRO C 100 2.31 -12.32 -16.67
CA PRO C 100 1.06 -12.69 -17.32
C PRO C 100 1.15 -13.50 -18.61
N ILE C 101 2.31 -13.48 -19.26
CA ILE C 101 2.46 -14.18 -20.52
C ILE C 101 3.56 -15.24 -20.53
N SER C 102 3.93 -15.73 -19.35
CA SER C 102 5.01 -16.71 -19.27
C SER C 102 4.91 -17.66 -18.09
N ILE C 103 5.74 -18.70 -18.11
CA ILE C 103 5.81 -19.64 -17.02
C ILE C 103 7.25 -19.56 -16.54
N GLY C 104 7.43 -19.46 -15.22
CA GLY C 104 8.77 -19.34 -14.68
C GLY C 104 9.30 -20.56 -13.97
N ILE C 105 10.27 -21.25 -14.57
CA ILE C 105 10.86 -22.41 -13.92
C ILE C 105 12.13 -21.84 -13.36
N SER C 106 12.49 -22.28 -12.16
CA SER C 106 13.67 -21.81 -11.47
C SER C 106 14.49 -22.96 -10.89
N PHE C 107 15.80 -22.95 -11.13
CA PHE C 107 16.70 -23.98 -10.64
C PHE C 107 17.15 -23.69 -9.21
N MET C 108 16.93 -24.65 -8.30
CA MET C 108 17.32 -24.45 -6.93
C MET C 108 18.84 -24.49 -6.76
N GLY C 109 19.41 -23.34 -6.38
CA GLY C 109 20.85 -23.20 -6.19
C GLY C 109 21.38 -21.93 -6.85
N ASN C 110 22.69 -21.68 -6.77
CA ASN C 110 23.28 -20.50 -7.40
C ASN C 110 24.23 -20.98 -8.49
N TYR C 111 23.91 -20.63 -9.73
CA TYR C 111 24.70 -21.07 -10.86
C TYR C 111 25.64 -20.09 -11.56
N MET C 112 26.25 -19.22 -10.77
CA MET C 112 27.19 -18.26 -11.29
C MET C 112 28.49 -19.05 -11.37
N ASN C 113 28.70 -19.94 -10.40
CA ASN C 113 29.91 -20.76 -10.33
C ASN C 113 29.81 -22.29 -10.40
N ARG C 114 28.84 -22.80 -11.15
CA ARG C 114 28.66 -24.25 -11.38
C ARG C 114 27.58 -24.37 -12.42
N VAL C 115 27.56 -25.50 -13.11
CA VAL C 115 26.50 -25.74 -14.08
C VAL C 115 25.68 -26.65 -13.22
N PRO C 116 24.39 -26.79 -13.51
CA PRO C 116 23.57 -27.69 -12.69
C PRO C 116 23.71 -29.05 -13.39
N PRO C 117 23.76 -30.16 -12.62
CA PRO C 117 23.91 -31.52 -13.15
C PRO C 117 22.98 -31.91 -14.32
N PRO C 118 23.45 -32.79 -15.22
CA PRO C 118 22.62 -33.17 -16.35
C PRO C 118 21.18 -33.60 -16.03
N ARG C 119 20.95 -34.19 -14.86
CA ARG C 119 19.58 -34.59 -14.55
C ARG C 119 18.68 -33.38 -14.30
N ALA C 120 19.24 -32.30 -13.78
CA ALA C 120 18.44 -31.10 -13.55
C ALA C 120 18.08 -30.54 -14.92
N LEU C 121 19.06 -30.50 -15.82
CA LEU C 121 18.81 -29.99 -17.15
C LEU C 121 17.77 -30.92 -17.81
N ARG C 122 17.86 -32.22 -17.55
CA ARG C 122 16.90 -33.16 -18.14
C ARG C 122 15.52 -32.95 -17.54
N ALA C 123 15.46 -32.69 -16.24
CA ALA C 123 14.17 -32.46 -15.61
C ALA C 123 13.53 -31.25 -16.30
N ALA C 124 14.31 -30.18 -16.46
CA ALA C 124 13.83 -28.95 -17.09
C ALA C 124 13.30 -29.14 -18.52
N GLN C 125 14.10 -29.71 -19.41
CA GLN C 125 13.65 -29.90 -20.79
C GLN C 125 12.40 -30.80 -20.89
N ASN C 126 12.37 -31.90 -20.14
CA ASN C 126 11.21 -32.77 -20.19
C ASN C 126 10.01 -31.97 -19.66
N LEU C 127 10.24 -31.17 -18.62
CA LEU C 127 9.17 -30.36 -18.05
C LEU C 127 8.53 -29.57 -19.17
N LEU C 128 9.37 -28.94 -19.98
CA LEU C 128 8.90 -28.13 -21.09
C LEU C 128 8.20 -28.92 -22.22
N ALA C 129 8.71 -30.09 -22.59
CA ALA C 129 8.04 -30.86 -23.64
C ALA C 129 6.65 -31.22 -23.10
N CYS C 130 6.62 -31.58 -21.83
CA CYS C 130 5.39 -31.96 -21.14
C CYS C 130 4.34 -30.85 -21.25
N GLY C 131 4.76 -29.62 -20.96
CA GLY C 131 3.83 -28.50 -21.03
C GLY C 131 3.25 -28.31 -22.41
N VAL C 132 4.05 -28.65 -23.42
CA VAL C 132 3.63 -28.54 -24.81
C VAL C 132 2.60 -29.61 -25.10
N ALA C 133 2.80 -30.80 -24.56
CA ALA C 133 1.88 -31.93 -24.76
C ALA C 133 0.51 -31.70 -24.14
N LEU C 134 0.49 -31.08 -22.97
CA LEU C 134 -0.75 -30.80 -22.26
C LEU C 134 -1.42 -29.63 -22.94
N GLY C 135 -0.63 -28.93 -23.75
CA GLY C 135 -1.12 -27.78 -24.47
C GLY C 135 -1.01 -26.54 -23.63
N ALA C 136 -0.29 -26.61 -22.52
CA ALA C 136 -0.14 -25.45 -21.64
C ALA C 136 0.84 -24.41 -22.21
N LEU C 137 1.72 -24.85 -23.11
CA LEU C 137 2.69 -23.98 -23.77
C LEU C 137 2.51 -24.14 -25.26
N ARG C 138 2.78 -23.08 -26.03
CA ARG C 138 2.67 -23.18 -27.47
C ARG C 138 3.78 -24.11 -27.94
N SER C 139 3.51 -24.87 -29.00
CA SER C 139 4.53 -25.77 -29.51
C SER C 139 5.82 -25.00 -29.79
N ASN C 140 5.68 -23.76 -30.25
CA ASN C 140 6.82 -22.91 -30.58
C ASN C 140 7.08 -21.84 -29.51
N TYR C 141 7.15 -22.25 -28.25
CA TYR C 141 7.39 -21.30 -27.17
C TYR C 141 8.83 -20.81 -27.19
N GLU C 142 9.03 -19.59 -26.73
CA GLU C 142 10.34 -18.97 -26.69
C GLU C 142 10.85 -19.01 -25.24
N VAL C 143 12.13 -19.35 -25.07
CA VAL C 143 12.75 -19.43 -23.74
C VAL C 143 13.66 -18.23 -23.49
N LYS C 144 13.37 -17.43 -22.46
CA LYS C 144 14.20 -16.28 -22.13
C LYS C 144 14.84 -16.61 -20.80
N GLY C 145 15.99 -16.00 -20.53
CA GLY C 145 16.66 -16.20 -19.27
C GLY C 145 16.24 -15.04 -18.40
N HIS C 146 16.21 -15.23 -17.09
CA HIS C 146 15.78 -14.16 -16.17
C HIS C 146 16.43 -12.78 -16.44
N ARG C 147 17.76 -12.74 -16.55
CA ARG C 147 18.47 -11.49 -16.78
C ARG C 147 18.07 -10.83 -18.11
N ASP C 148 17.43 -11.59 -19.00
CA ASP C 148 17.00 -11.03 -20.27
C ASP C 148 15.72 -10.22 -20.13
N VAL C 149 15.08 -10.27 -18.97
CA VAL C 149 13.84 -9.53 -18.79
C VAL C 149 13.79 -8.64 -17.55
N GLN C 150 14.72 -8.86 -16.64
CA GLN C 150 14.80 -8.08 -15.40
C GLN C 150 16.29 -7.94 -15.07
N PRO C 151 16.67 -6.86 -14.40
CA PRO C 151 18.08 -6.68 -14.06
C PRO C 151 18.47 -7.68 -12.97
N THR C 152 19.16 -8.74 -13.34
CA THR C 152 19.56 -9.73 -12.34
C THR C 152 20.66 -10.62 -12.87
N LEU C 153 21.44 -11.18 -11.94
CA LEU C 153 22.52 -12.08 -12.31
C LEU C 153 21.89 -13.40 -12.72
N SER C 154 20.68 -13.62 -12.19
CA SER C 154 19.86 -14.82 -12.44
C SER C 154 19.76 -14.99 -13.96
N PRO C 155 19.77 -16.25 -14.47
CA PRO C 155 19.89 -17.58 -13.83
C PRO C 155 21.27 -18.03 -13.39
N GLY C 156 22.27 -17.19 -13.60
CA GLY C 156 23.63 -17.54 -13.25
C GLY C 156 24.31 -17.62 -14.59
N ASP C 157 25.59 -17.26 -14.66
CA ASP C 157 26.34 -17.27 -15.91
C ASP C 157 26.43 -18.62 -16.64
N ARG C 158 26.87 -19.66 -15.93
CA ARG C 158 27.03 -21.00 -16.51
C ARG C 158 25.73 -21.54 -17.11
N LEU C 159 24.64 -21.35 -16.38
CA LEU C 159 23.34 -21.81 -16.82
C LEU C 159 22.84 -20.89 -17.90
N TYR C 160 23.15 -19.60 -17.79
CA TYR C 160 22.71 -18.68 -18.83
C TYR C 160 23.42 -19.17 -20.10
N GLU C 161 24.68 -19.54 -19.92
CA GLU C 161 25.53 -20.07 -20.99
C GLU C 161 24.82 -21.24 -21.66
N ILE C 162 24.24 -22.13 -20.84
CA ILE C 162 23.54 -23.29 -21.38
C ILE C 162 22.18 -22.98 -22.01
N ILE C 163 21.31 -22.22 -21.35
CA ILE C 163 20.02 -21.98 -21.97
C ILE C 163 20.09 -21.25 -23.32
N GLN C 164 21.18 -20.53 -23.58
CA GLN C 164 21.33 -19.80 -24.84
C GLN C 164 21.52 -20.75 -26.03
N THR C 165 21.94 -21.98 -25.75
CA THR C 165 22.16 -23.00 -26.79
C THR C 165 20.84 -23.69 -27.15
N TRP C 166 19.97 -23.85 -26.17
CA TRP C 166 18.65 -24.49 -26.34
C TRP C 166 17.81 -24.12 -27.55
N SER C 167 17.32 -25.14 -28.23
CA SER C 167 16.50 -24.98 -29.41
C SER C 167 15.46 -23.86 -29.32
N HIS C 168 14.68 -23.85 -28.25
CA HIS C 168 13.64 -22.84 -28.08
C HIS C 168 14.02 -21.44 -27.60
N TYR C 169 15.30 -21.21 -27.30
CA TYR C 169 15.74 -19.89 -26.84
C TYR C 169 15.53 -18.83 -27.91
N ARG C 170 15.42 -17.57 -27.48
CA ARG C 170 15.25 -16.46 -28.40
C ARG C 170 15.62 -15.15 -27.71
N ALA C 171 16.57 -14.45 -28.31
CA ALA C 171 17.07 -13.17 -27.80
C ALA C 171 15.93 -12.21 -27.51
N GLU D 1 13.25 28.56 8.19
CA GLU D 1 13.86 27.69 7.14
C GLU D 1 15.39 27.70 7.29
N ASP D 2 16.03 26.65 6.82
CA ASP D 2 17.49 26.57 6.83
C ASP D 2 17.44 26.09 5.37
N PRO D 3 17.69 27.03 4.42
CA PRO D 3 17.72 26.93 2.95
C PRO D 3 18.33 25.61 2.40
N PRO D 4 17.49 24.76 1.76
CA PRO D 4 17.81 23.45 1.15
C PRO D 4 19.16 22.90 1.61
N ALA D 5 20.22 23.25 0.89
CA ALA D 5 21.57 22.81 1.27
C ALA D 5 21.83 21.30 1.27
N CYS D 6 21.75 20.70 0.08
CA CYS D 6 21.97 19.27 0.00
C CYS D 6 22.43 18.63 -1.28
N GLY D 7 23.35 17.69 -1.11
CA GLY D 7 23.88 16.90 -2.21
C GLY D 7 24.69 17.43 -3.38
N SER D 8 25.70 16.64 -3.71
CA SER D 8 26.58 16.92 -4.83
C SER D 8 26.29 15.69 -5.67
N ILE D 9 25.32 15.84 -6.56
CA ILE D 9 24.91 14.77 -7.44
C ILE D 9 25.45 15.00 -8.86
N VAL D 10 26.04 13.95 -9.43
CA VAL D 10 26.57 14.03 -10.80
C VAL D 10 25.31 13.94 -11.66
N PRO D 11 24.97 15.01 -12.39
CA PRO D 11 23.74 14.91 -13.19
C PRO D 11 23.78 13.97 -14.40
N ARG D 12 22.62 13.78 -15.01
CA ARG D 12 22.52 12.91 -16.15
C ARG D 12 23.55 13.24 -17.21
N ARG D 13 23.53 14.44 -17.75
CA ARG D 13 24.52 14.79 -18.78
C ARG D 13 25.96 14.57 -18.32
N GLU D 14 26.30 14.92 -17.09
CA GLU D 14 27.68 14.71 -16.72
C GLU D 14 28.08 13.24 -16.92
N TRP D 15 27.19 12.26 -16.70
CA TRP D 15 27.59 10.87 -16.97
C TRP D 15 27.14 10.41 -18.35
N ARG D 16 26.58 11.34 -19.11
CA ARG D 16 26.13 11.15 -20.49
C ARG D 16 24.87 10.35 -20.78
N ALA D 17 24.14 10.04 -19.71
CA ALA D 17 22.90 9.29 -19.76
C ALA D 17 22.04 9.55 -20.98
N LEU D 18 21.49 8.48 -21.58
CA LEU D 18 20.60 8.65 -22.73
C LEU D 18 19.39 9.38 -22.22
N ALA D 19 18.78 10.22 -23.05
CA ALA D 19 17.60 10.96 -22.61
C ALA D 19 16.63 9.96 -22.00
N SER D 20 16.00 10.35 -20.89
CA SER D 20 15.04 9.48 -20.23
C SER D 20 13.74 9.59 -21.01
N GLU D 21 12.92 8.56 -20.95
CA GLU D 21 11.66 8.64 -21.65
C GLU D 21 10.55 8.43 -20.64
N CYS D 22 10.92 7.97 -19.46
CA CYS D 22 9.94 7.74 -18.41
C CYS D 22 9.14 9.00 -18.04
N ARG D 23 7.84 8.81 -17.86
CA ARG D 23 6.92 9.90 -17.54
C ARG D 23 6.16 9.74 -16.23
N GLU D 24 5.90 8.49 -15.82
CA GLU D 24 5.15 8.22 -14.59
C GLU D 24 5.85 8.77 -13.34
N ARG D 25 5.10 9.51 -12.54
CA ARG D 25 5.64 10.16 -11.33
C ARG D 25 5.34 9.61 -9.92
N LEU D 26 6.21 9.96 -8.98
CA LEU D 26 6.06 9.56 -7.59
C LEU D 26 5.36 10.72 -6.93
N THR D 27 4.70 10.49 -5.80
CA THR D 27 4.05 11.62 -5.16
C THR D 27 4.83 11.89 -3.88
N ARG D 28 5.22 13.15 -3.65
CA ARG D 28 5.98 13.47 -2.46
C ARG D 28 5.07 14.00 -1.35
N PRO D 29 5.47 13.81 -0.09
CA PRO D 29 6.72 13.15 0.29
C PRO D 29 6.65 11.62 0.26
N VAL D 30 7.71 11.01 -0.30
CA VAL D 30 7.83 9.55 -0.41
C VAL D 30 8.15 8.96 0.97
N ARG D 31 7.56 7.81 1.28
CA ARG D 31 7.76 7.15 2.58
C ARG D 31 8.87 6.12 2.65
N TYR D 32 9.04 5.33 1.60
CA TYR D 32 10.06 4.29 1.61
C TYR D 32 11.25 4.52 0.68
N VAL D 33 12.35 3.87 1.03
CA VAL D 33 13.59 3.93 0.27
C VAL D 33 14.08 2.48 0.22
N VAL D 34 14.38 2.00 -0.97
CA VAL D 34 14.82 0.62 -1.15
C VAL D 34 16.28 0.59 -1.60
N VAL D 35 17.11 -0.02 -0.78
CA VAL D 35 18.53 -0.10 -1.09
C VAL D 35 18.94 -1.39 -1.79
N SER D 36 19.45 -1.26 -3.02
CA SER D 36 19.87 -2.43 -3.79
C SER D 36 21.34 -2.31 -4.13
N HIS D 37 21.80 -3.21 -4.98
CA HIS D 37 23.17 -3.15 -5.44
C HIS D 37 23.11 -3.63 -6.88
N THR D 38 24.03 -3.13 -7.69
CA THR D 38 24.08 -3.45 -9.11
C THR D 38 24.49 -4.90 -9.38
N ALA D 39 25.12 -5.53 -8.40
CA ALA D 39 25.56 -6.92 -8.50
C ALA D 39 26.66 -7.11 -9.53
N GLY D 40 26.95 -6.06 -10.31
CA GLY D 40 27.98 -6.15 -11.32
C GLY D 40 29.31 -5.71 -10.76
N SER D 41 30.20 -5.21 -11.62
CA SER D 41 31.54 -4.74 -11.21
C SER D 41 31.51 -3.37 -10.53
N HIS D 42 32.48 -3.06 -9.68
CA HIS D 42 32.47 -1.76 -9.03
C HIS D 42 33.27 -0.69 -9.79
N CYS D 43 33.49 0.46 -9.15
CA CYS D 43 34.21 1.57 -9.78
C CYS D 43 34.72 2.50 -8.70
N ASP D 44 35.98 2.92 -8.74
CA ASP D 44 36.46 3.82 -7.69
C ASP D 44 37.05 5.17 -8.13
N THR D 45 36.58 5.71 -9.26
CA THR D 45 37.00 7.02 -9.76
C THR D 45 35.86 7.64 -10.55
N PRO D 46 35.80 8.98 -10.59
CA PRO D 46 34.73 9.66 -11.33
C PRO D 46 34.42 9.12 -12.73
N ALA D 47 35.39 9.14 -13.64
CA ALA D 47 35.14 8.63 -15.01
C ALA D 47 34.88 7.13 -15.01
N SER D 48 35.44 6.45 -14.02
CA SER D 48 35.24 5.02 -13.90
C SER D 48 33.80 4.79 -13.48
N CYS D 49 33.35 5.53 -12.47
CA CYS D 49 31.99 5.35 -12.03
C CYS D 49 30.97 5.92 -13.03
N ALA D 50 31.35 6.96 -13.75
CA ALA D 50 30.47 7.56 -14.74
C ALA D 50 30.36 6.63 -15.95
N GLN D 51 31.33 5.73 -16.07
CA GLN D 51 31.34 4.78 -17.17
C GLN D 51 30.25 3.75 -16.88
N GLN D 52 30.20 3.28 -15.64
CA GLN D 52 29.20 2.30 -15.27
C GLN D 52 27.77 2.81 -15.29
N ALA D 53 27.53 3.96 -14.66
CA ALA D 53 26.18 4.51 -14.65
C ALA D 53 25.65 4.39 -16.09
N GLN D 54 26.54 4.60 -17.06
CA GLN D 54 26.20 4.53 -18.47
C GLN D 54 25.93 3.08 -18.90
N ASN D 55 26.70 2.13 -18.37
CA ASN D 55 26.53 0.71 -18.71
C ASN D 55 25.20 0.22 -18.18
N VAL D 56 25.06 0.35 -16.86
CA VAL D 56 23.85 -0.04 -16.19
C VAL D 56 22.69 0.57 -16.93
N GLN D 57 22.79 1.84 -17.32
CA GLN D 57 21.65 2.41 -18.03
C GLN D 57 21.41 1.71 -19.34
N SER D 58 22.49 1.48 -20.08
CA SER D 58 22.40 0.83 -21.37
C SER D 58 21.71 -0.54 -21.23
N TYR D 59 22.12 -1.31 -20.22
CA TYR D 59 21.52 -2.61 -20.00
C TYR D 59 20.00 -2.47 -19.81
N HIS D 60 19.56 -1.54 -18.96
CA HIS D 60 18.12 -1.37 -18.73
C HIS D 60 17.31 -0.79 -19.91
N VAL D 61 17.93 0.08 -20.72
CA VAL D 61 17.24 0.69 -21.85
C VAL D 61 17.36 -0.11 -23.16
N ARG D 62 18.58 -0.56 -23.45
CA ARG D 62 18.89 -1.31 -24.66
C ARG D 62 18.47 -2.79 -24.55
N ASN D 63 18.93 -3.48 -23.51
CA ASN D 63 18.61 -4.90 -23.31
C ASN D 63 17.22 -5.27 -22.79
N LEU D 64 16.61 -4.44 -21.94
CA LEU D 64 15.30 -4.75 -21.38
C LEU D 64 14.21 -3.84 -21.93
N GLY D 65 14.62 -2.87 -22.73
CA GLY D 65 13.68 -1.94 -23.33
C GLY D 65 12.92 -0.98 -22.42
N TRP D 66 13.52 -0.61 -21.28
CA TRP D 66 12.87 0.32 -20.35
C TRP D 66 13.03 1.75 -20.85
N CYS D 67 12.27 2.68 -20.27
CA CYS D 67 12.33 4.07 -20.68
C CYS D 67 13.49 4.87 -20.11
N ASP D 68 14.22 4.31 -19.15
CA ASP D 68 15.34 5.00 -18.52
C ASP D 68 15.93 4.04 -17.48
N VAL D 69 17.18 4.25 -17.08
CA VAL D 69 17.81 3.35 -16.10
C VAL D 69 16.85 3.10 -14.92
N GLY D 70 16.88 1.87 -14.41
CA GLY D 70 15.98 1.49 -13.33
C GLY D 70 15.88 2.26 -12.02
N TYR D 71 17.02 2.60 -11.44
CA TYR D 71 17.11 3.28 -10.16
C TYR D 71 16.92 4.79 -10.17
N ASN D 72 16.52 5.32 -9.03
CA ASN D 72 16.32 6.75 -8.91
C ASN D 72 17.71 7.38 -8.75
N PHE D 73 18.60 6.67 -8.06
CA PHE D 73 19.98 7.11 -7.80
C PHE D 73 20.97 5.96 -7.64
N LEU D 74 22.19 6.13 -8.16
CA LEU D 74 23.20 5.11 -8.00
C LEU D 74 24.33 5.72 -7.19
N ILE D 75 25.02 4.88 -6.43
CA ILE D 75 26.13 5.28 -5.55
C ILE D 75 27.46 4.67 -5.99
N GLY D 76 28.38 5.49 -6.47
CA GLY D 76 29.67 4.97 -6.90
C GLY D 76 30.57 4.87 -5.70
N GLU D 77 31.68 4.17 -5.82
CA GLU D 77 32.59 4.06 -4.71
C GLU D 77 33.60 5.20 -4.81
N ASP D 78 33.34 6.12 -5.73
CA ASP D 78 34.20 7.27 -5.88
C ASP D 78 33.66 8.22 -4.84
N GLY D 79 32.51 7.84 -4.27
CA GLY D 79 31.88 8.63 -3.23
C GLY D 79 30.91 9.69 -3.72
N LEU D 80 30.49 9.53 -4.97
CA LEU D 80 29.55 10.44 -5.58
C LEU D 80 28.24 9.70 -5.79
N VAL D 81 27.17 10.47 -5.93
CA VAL D 81 25.86 9.94 -6.18
C VAL D 81 25.62 10.26 -7.65
N TYR D 82 24.94 9.37 -8.34
CA TYR D 82 24.70 9.63 -9.73
C TYR D 82 23.19 9.73 -9.93
N GLU D 83 22.76 10.78 -10.62
CA GLU D 83 21.35 10.99 -10.88
C GLU D 83 20.78 9.81 -11.68
N GLY D 84 19.66 9.28 -11.22
CA GLY D 84 19.00 8.18 -11.90
C GLY D 84 17.71 8.79 -12.40
N ARG D 85 16.56 8.27 -11.98
CA ARG D 85 15.32 8.87 -12.43
C ARG D 85 15.02 10.00 -11.46
N GLY D 86 15.81 10.07 -10.39
CA GLY D 86 15.64 11.12 -9.42
C GLY D 86 14.53 11.01 -8.39
N TRP D 87 14.17 12.16 -7.80
CA TRP D 87 13.14 12.20 -6.77
C TRP D 87 11.68 12.11 -7.22
N ASN D 88 11.39 12.52 -8.46
CA ASN D 88 10.01 12.59 -8.94
C ASN D 88 9.43 11.53 -9.87
N ILE D 89 10.29 10.70 -10.43
CA ILE D 89 9.88 9.69 -11.40
C ILE D 89 9.87 8.24 -10.88
N LYS D 90 8.80 7.50 -11.17
CA LYS D 90 8.68 6.12 -10.71
C LYS D 90 9.77 5.24 -11.30
N GLY D 91 10.53 4.59 -10.42
CA GLY D 91 11.61 3.74 -10.87
C GLY D 91 11.16 2.33 -11.18
N ALA D 92 12.13 1.48 -11.48
CA ALA D 92 11.89 0.08 -11.82
C ALA D 92 12.95 -0.78 -11.15
N HIS D 93 12.95 -0.79 -9.82
CA HIS D 93 13.96 -1.54 -9.09
C HIS D 93 13.49 -2.52 -8.02
N ALA D 94 12.20 -2.47 -7.70
CA ALA D 94 11.68 -3.38 -6.67
C ALA D 94 10.25 -3.93 -6.89
N GLY D 95 9.80 -4.03 -8.13
CA GLY D 95 8.46 -4.58 -8.36
C GLY D 95 7.33 -3.58 -8.31
N PRO D 96 6.16 -3.90 -8.90
CA PRO D 96 4.97 -3.03 -8.96
C PRO D 96 4.37 -2.60 -7.62
N THR D 97 4.74 -3.23 -6.51
CA THR D 97 4.17 -2.83 -5.25
C THR D 97 4.97 -1.68 -4.66
N TRP D 98 6.28 -1.82 -4.66
CA TRP D 98 7.15 -0.79 -4.08
C TRP D 98 7.66 0.33 -4.98
N ASN D 99 7.68 0.10 -6.30
CA ASN D 99 8.15 1.14 -7.22
C ASN D 99 7.35 2.44 -7.11
N PRO D 100 6.01 2.37 -7.09
CA PRO D 100 5.23 3.62 -6.98
C PRO D 100 5.22 4.26 -5.61
N ILE D 101 5.83 3.62 -4.62
CA ILE D 101 5.80 4.23 -3.30
C ILE D 101 7.17 4.35 -2.65
N SER D 102 8.24 4.34 -3.44
CA SER D 102 9.59 4.45 -2.90
C SER D 102 10.66 5.02 -3.85
N ILE D 103 11.83 5.27 -3.27
CA ILE D 103 12.99 5.77 -4.00
C ILE D 103 14.01 4.64 -3.96
N GLY D 104 14.40 4.17 -5.13
CA GLY D 104 15.37 3.08 -5.19
C GLY D 104 16.76 3.63 -5.39
N ILE D 105 17.68 3.27 -4.51
CA ILE D 105 19.05 3.72 -4.63
C ILE D 105 19.92 2.49 -4.65
N SER D 106 20.77 2.37 -5.67
CA SER D 106 21.62 1.20 -5.83
C SER D 106 23.12 1.50 -5.83
N PHE D 107 23.89 0.76 -5.04
CA PHE D 107 25.34 0.93 -4.99
C PHE D 107 25.91 0.20 -6.17
N MET D 108 26.80 0.85 -6.92
CA MET D 108 27.40 0.22 -8.07
C MET D 108 28.47 -0.79 -7.65
N GLY D 109 28.17 -2.07 -7.81
CA GLY D 109 29.10 -3.11 -7.44
C GLY D 109 28.34 -4.27 -6.83
N ASN D 110 29.08 -5.22 -6.25
CA ASN D 110 28.52 -6.41 -5.62
C ASN D 110 29.08 -6.52 -4.19
N TYR D 111 28.21 -6.36 -3.19
CA TYR D 111 28.65 -6.37 -1.80
C TYR D 111 28.37 -7.59 -0.92
N MET D 112 28.44 -8.75 -1.56
CA MET D 112 28.23 -10.03 -0.91
C MET D 112 29.39 -10.32 0.05
N ASN D 113 30.61 -10.20 -0.49
CA ASN D 113 31.82 -10.47 0.25
C ASN D 113 32.63 -9.23 0.64
N ARG D 114 32.07 -8.05 0.43
CA ARG D 114 32.75 -6.81 0.75
C ARG D 114 31.75 -5.69 1.01
N VAL D 115 32.25 -4.58 1.55
CA VAL D 115 31.42 -3.42 1.85
C VAL D 115 31.78 -2.26 0.96
N PRO D 116 30.90 -1.25 0.91
CA PRO D 116 31.21 -0.09 0.06
C PRO D 116 32.16 0.65 0.99
N PRO D 117 33.03 1.50 0.44
CA PRO D 117 33.97 2.25 1.28
C PRO D 117 33.22 3.37 2.02
N PRO D 118 33.71 3.81 3.19
CA PRO D 118 33.01 4.87 3.92
C PRO D 118 32.45 5.98 3.03
N ARG D 119 33.26 6.42 2.06
CA ARG D 119 32.81 7.48 1.15
C ARG D 119 31.44 7.15 0.57
N ALA D 120 31.29 5.93 0.07
CA ALA D 120 30.03 5.51 -0.54
C ALA D 120 28.84 5.56 0.44
N LEU D 121 29.04 5.02 1.63
CA LEU D 121 28.00 4.98 2.65
C LEU D 121 27.64 6.40 3.10
N ARG D 122 28.59 7.32 3.02
CA ARG D 122 28.32 8.70 3.41
C ARG D 122 27.52 9.35 2.30
N ALA D 123 27.94 9.12 1.06
CA ALA D 123 27.23 9.69 -0.08
C ALA D 123 25.77 9.27 -0.06
N ALA D 124 25.51 8.07 0.43
CA ALA D 124 24.14 7.56 0.47
C ALA D 124 23.32 8.14 1.62
N GLN D 125 23.91 8.21 2.80
CA GLN D 125 23.21 8.75 3.96
C GLN D 125 22.91 10.22 3.76
N ASN D 126 23.90 10.92 3.22
CA ASN D 126 23.80 12.35 2.94
C ASN D 126 22.71 12.57 1.89
N LEU D 127 22.62 11.63 0.94
CA LEU D 127 21.62 11.72 -0.13
C LEU D 127 20.21 11.70 0.45
N LEU D 128 20.01 10.81 1.41
CA LEU D 128 18.72 10.69 2.04
C LEU D 128 18.40 11.89 2.94
N ALA D 129 19.38 12.41 3.66
CA ALA D 129 19.13 13.56 4.52
C ALA D 129 18.61 14.65 3.61
N CYS D 130 19.19 14.71 2.44
CA CYS D 130 18.85 15.69 1.42
C CYS D 130 17.43 15.55 0.92
N GLY D 131 17.00 14.31 0.70
CA GLY D 131 15.67 14.06 0.18
C GLY D 131 14.62 14.51 1.19
N VAL D 132 14.97 14.41 2.46
CA VAL D 132 14.08 14.81 3.51
C VAL D 132 14.06 16.34 3.54
N ALA D 133 15.23 16.95 3.39
CA ALA D 133 15.31 18.40 3.38
C ALA D 133 14.45 18.96 2.24
N LEU D 134 14.58 18.36 1.06
CA LEU D 134 13.79 18.83 -0.08
C LEU D 134 12.32 18.45 0.04
N GLY D 135 11.98 17.69 1.07
CA GLY D 135 10.60 17.31 1.25
C GLY D 135 10.18 16.27 0.23
N ALA D 136 11.16 15.57 -0.33
CA ALA D 136 10.88 14.53 -1.30
C ALA D 136 10.70 13.19 -0.58
N LEU D 137 11.14 13.11 0.67
CA LEU D 137 10.96 11.90 1.48
C LEU D 137 10.29 12.32 2.77
N ARG D 138 9.47 11.44 3.34
CA ARG D 138 8.82 11.74 4.60
C ARG D 138 9.94 11.85 5.60
N SER D 139 9.81 12.75 6.58
CA SER D 139 10.85 12.90 7.57
C SER D 139 11.02 11.60 8.33
N ASN D 140 9.96 10.80 8.37
CA ASN D 140 10.04 9.51 9.05
C ASN D 140 9.97 8.38 8.01
N TYR D 141 10.77 8.50 6.96
CA TYR D 141 10.81 7.49 5.90
C TYR D 141 11.39 6.20 6.44
N GLU D 142 11.23 5.11 5.71
CA GLU D 142 11.77 3.82 6.13
C GLU D 142 12.70 3.25 5.06
N VAL D 143 13.82 2.69 5.50
CA VAL D 143 14.76 2.11 4.58
C VAL D 143 14.59 0.61 4.61
N LYS D 144 14.36 0.02 3.45
CA LYS D 144 14.17 -1.42 3.33
C LYS D 144 15.28 -1.92 2.42
N GLY D 145 15.68 -3.18 2.61
CA GLY D 145 16.72 -3.72 1.75
C GLY D 145 15.97 -4.36 0.61
N HIS D 146 16.59 -4.44 -0.57
CA HIS D 146 15.93 -5.04 -1.74
C HIS D 146 15.34 -6.41 -1.39
N ARG D 147 16.16 -7.29 -0.82
CA ARG D 147 15.72 -8.65 -0.46
C ARG D 147 14.53 -8.68 0.50
N ASP D 148 14.22 -7.53 1.12
CA ASP D 148 13.10 -7.45 2.06
C ASP D 148 11.81 -7.28 1.30
N VAL D 149 11.91 -6.96 0.01
CA VAL D 149 10.71 -6.73 -0.80
C VAL D 149 10.64 -7.48 -2.12
N GLN D 150 11.75 -8.09 -2.53
CA GLN D 150 11.83 -8.86 -3.77
C GLN D 150 12.72 -10.05 -3.43
N PRO D 151 12.65 -11.11 -4.22
CA PRO D 151 13.52 -12.25 -3.92
C PRO D 151 14.78 -11.92 -4.71
N THR D 152 15.88 -11.74 -3.99
CA THR D 152 17.15 -11.38 -4.60
C THR D 152 18.13 -11.33 -3.45
N LEU D 153 19.42 -11.46 -3.73
CA LEU D 153 20.41 -11.38 -2.67
C LEU D 153 20.77 -9.90 -2.51
N SER D 154 20.36 -9.09 -3.48
CA SER D 154 20.61 -7.65 -3.44
C SER D 154 20.10 -7.13 -2.10
N PRO D 155 20.83 -6.19 -1.46
CA PRO D 155 22.10 -5.55 -1.83
C PRO D 155 23.38 -6.29 -1.41
N GLY D 156 23.34 -7.60 -1.30
CA GLY D 156 24.54 -8.33 -0.89
C GLY D 156 24.62 -8.41 0.64
N ASP D 157 25.05 -9.57 1.16
CA ASP D 157 25.15 -9.81 2.61
C ASP D 157 25.76 -8.70 3.47
N ARG D 158 26.97 -8.28 3.14
CA ARG D 158 27.61 -7.27 3.95
C ARG D 158 26.94 -5.89 3.92
N LEU D 159 26.52 -5.41 2.75
CA LEU D 159 25.83 -4.13 2.72
C LEU D 159 24.50 -4.29 3.47
N TYR D 160 23.79 -5.40 3.26
CA TYR D 160 22.53 -5.63 3.97
C TYR D 160 22.80 -5.50 5.46
N GLU D 161 23.91 -6.09 5.90
CA GLU D 161 24.28 -6.03 7.31
C GLU D 161 24.43 -4.58 7.74
N ILE D 162 24.96 -3.75 6.84
CA ILE D 162 25.16 -2.34 7.17
C ILE D 162 23.86 -1.56 7.32
N ILE D 163 22.97 -1.61 6.32
CA ILE D 163 21.72 -0.83 6.40
C ILE D 163 20.79 -1.21 7.56
N GLN D 164 20.85 -2.45 8.04
CA GLN D 164 20.02 -2.89 9.15
C GLN D 164 20.30 -2.02 10.36
N THR D 165 21.49 -1.44 10.34
CA THR D 165 22.04 -0.58 11.37
C THR D 165 21.43 0.83 11.31
N TRP D 166 21.15 1.30 10.08
CA TRP D 166 20.58 2.63 9.86
C TRP D 166 19.33 3.01 10.66
N SER D 167 19.30 4.28 11.05
CA SER D 167 18.22 4.88 11.81
C SER D 167 16.84 4.70 11.21
N HIS D 168 16.74 4.72 9.90
CA HIS D 168 15.45 4.57 9.28
C HIS D 168 15.19 3.17 8.75
N TYR D 169 15.91 2.18 9.24
CA TYR D 169 15.65 0.83 8.75
C TYR D 169 14.46 0.27 9.53
N ARG D 170 13.65 -0.52 8.83
CA ARG D 170 12.45 -1.16 9.36
C ARG D 170 12.19 -2.31 8.39
N ALA D 171 12.00 -3.53 8.91
CA ALA D 171 11.76 -4.68 8.05
C ALA D 171 10.39 -5.30 8.29
#